data_1GZ6
#
_entry.id   1GZ6
#
_cell.length_a   89.466
_cell.length_b   82.748
_cell.length_c   95.745
_cell.angle_alpha   90.00
_cell.angle_beta   94.20
_cell.angle_gamma   90.00
#
_symmetry.space_group_name_H-M   'P 1 21 1'
#
loop_
_entity.id
_entity.type
_entity.pdbx_description
1 polymer 'ESTRADIOL 17 BETA-DEHYDROGENASE 4'
2 non-polymer 'SULFATE ION'
3 non-polymer '1,4-DIHYDRONICOTINAMIDE ADENINE DINUCLEOTIDE'
4 water water
#
_entity_poly.entity_id   1
_entity_poly.type   'polypeptide(L)'
_entity_poly.pdbx_seq_one_letter_code
;(MSE)ASPLRFDGRVVLVTGAGGGLGRAYALAFAERGALVVVNDLGGDFKGVGKGSSAADKVVEEIRRRGGKAVANYDSV
EAGEKLVKTALDTFGRIDVVVNNAGILRDRSFSRISDEDWDIIQRVHLRGSFQVTRAAWDH(MSE)KKQNYGRII(MSE)
TASASGIYGNFGQANYSAAKLGLLGLANTLVIEGRKNNIHCNTIAPNAGSR(MSE)TETV(MSE)PEDLVEALKPEYVAP
LVLWLCHESCEENGGLFEVGAGWIGKLRWERTLGAIVRKRNQP(MSE)TPEAVRDNWVKICDFSNASKPKSIQESTGGII
EVLHKIDSEGISQNHTGQVASAD
;
_entity_poly.pdbx_strand_id   A,B,C,D
#
# COMPACT_ATOMS: atom_id res chain seq x y z
N SER A 3 18.74 -1.92 -25.81
CA SER A 3 18.46 -1.11 -27.04
C SER A 3 18.36 0.39 -26.70
N PRO A 4 18.85 1.26 -27.60
CA PRO A 4 18.77 2.70 -27.32
C PRO A 4 17.33 3.21 -27.28
N LEU A 5 17.05 4.09 -26.33
CA LEU A 5 15.72 4.66 -26.16
C LEU A 5 15.42 5.69 -27.26
N ARG A 6 14.37 5.42 -28.05
CA ARG A 6 13.99 6.33 -29.13
C ARG A 6 12.55 6.79 -28.98
N PHE A 7 12.17 7.82 -29.73
CA PHE A 7 10.82 8.36 -29.64
C PHE A 7 10.19 8.49 -31.01
N ASP A 8 10.51 7.57 -31.88
CA ASP A 8 9.97 7.63 -33.23
C ASP A 8 8.46 7.54 -33.26
N GLY A 9 7.87 8.52 -33.93
CA GLY A 9 6.43 8.57 -34.05
C GLY A 9 5.78 9.16 -32.82
N ARG A 10 6.59 9.72 -31.92
CA ARG A 10 6.06 10.32 -30.70
C ARG A 10 6.11 11.83 -30.84
N VAL A 11 5.08 12.51 -30.36
CA VAL A 11 5.02 13.95 -30.41
C VAL A 11 5.27 14.47 -29.00
N VAL A 12 6.30 15.27 -28.84
CA VAL A 12 6.68 15.80 -27.53
C VAL A 12 6.54 17.32 -27.44
N LEU A 13 5.77 17.77 -26.47
CA LEU A 13 5.58 19.21 -26.23
C LEU A 13 6.37 19.57 -24.99
N VAL A 14 7.28 20.54 -25.12
CA VAL A 14 8.05 21.00 -23.97
C VAL A 14 7.73 22.49 -23.77
N THR A 15 7.10 22.81 -22.66
CA THR A 15 6.78 24.22 -22.40
C THR A 15 8.03 24.90 -21.88
N GLY A 16 8.24 26.15 -22.28
CA GLY A 16 9.42 26.87 -21.82
C GLY A 16 10.71 26.26 -22.33
N ALA A 17 10.68 25.72 -23.55
CA ALA A 17 11.86 25.08 -24.15
C ALA A 17 12.81 26.05 -24.85
N GLY A 18 12.66 27.35 -24.60
CA GLY A 18 13.53 28.33 -25.23
C GLY A 18 14.91 28.49 -24.62
N GLY A 19 15.10 27.97 -23.40
CA GLY A 19 16.40 28.05 -22.75
C GLY A 19 16.49 27.06 -21.59
N GLY A 20 17.61 27.06 -20.88
CA GLY A 20 17.81 26.19 -19.73
C GLY A 20 17.45 24.72 -19.90
N LEU A 21 16.66 24.22 -18.96
CA LEU A 21 16.22 22.83 -18.95
C LEU A 21 15.31 22.45 -20.11
N GLY A 22 14.30 23.28 -20.37
CA GLY A 22 13.37 23.00 -21.46
C GLY A 22 14.10 22.77 -22.77
N ARG A 23 15.04 23.65 -23.07
CA ARG A 23 15.83 23.55 -24.28
C ARG A 23 16.61 22.25 -24.34
N ALA A 24 17.26 21.90 -23.23
CA ALA A 24 18.05 20.66 -23.22
C ALA A 24 17.12 19.47 -23.48
N TYR A 25 15.93 19.50 -22.91
CA TYR A 25 14.97 18.40 -23.09
C TYR A 25 14.56 18.29 -24.56
N ALA A 26 14.19 19.41 -25.19
CA ALA A 26 13.74 19.43 -26.57
C ALA A 26 14.82 18.88 -27.52
N LEU A 27 16.07 19.34 -27.36
CA LEU A 27 17.17 18.87 -28.17
C LEU A 27 17.41 17.36 -27.99
N ALA A 28 17.33 16.89 -26.75
CA ALA A 28 17.55 15.49 -26.44
C ALA A 28 16.43 14.64 -27.08
N PHE A 29 15.19 15.05 -26.89
CA PHE A 29 14.07 14.32 -27.49
C PHE A 29 14.17 14.30 -29.02
N ALA A 30 14.43 15.45 -29.62
CA ALA A 30 14.51 15.57 -31.07
C ALA A 30 15.64 14.76 -31.67
N GLU A 31 16.72 14.63 -30.92
CA GLU A 31 17.89 13.88 -31.37
C GLU A 31 17.53 12.39 -31.38
N ARG A 32 16.53 12.00 -30.60
CA ARG A 32 16.09 10.60 -30.51
C ARG A 32 14.85 10.28 -31.34
N GLY A 33 14.56 11.09 -32.36
CA GLY A 33 13.44 10.78 -33.24
C GLY A 33 12.09 11.44 -33.01
N ALA A 34 11.93 12.09 -31.88
CA ALA A 34 10.68 12.74 -31.53
C ALA A 34 10.32 13.97 -32.36
N LEU A 35 9.02 14.15 -32.54
CA LEU A 35 8.46 15.32 -33.23
C LEU A 35 8.20 16.25 -32.04
N VAL A 36 8.97 17.35 -31.99
CA VAL A 36 8.90 18.27 -30.88
C VAL A 36 8.25 19.63 -31.10
N VAL A 37 7.31 19.95 -30.22
CA VAL A 37 6.68 21.26 -30.26
C VAL A 37 7.45 21.98 -29.17
N VAL A 38 8.25 22.98 -29.55
CA VAL A 38 9.00 23.71 -28.55
C VAL A 38 8.27 25.01 -28.28
N ASN A 39 7.78 25.12 -27.06
CA ASN A 39 7.07 26.31 -26.65
C ASN A 39 7.90 27.20 -25.77
N ASP A 40 7.67 28.50 -25.94
CA ASP A 40 8.30 29.52 -25.12
C ASP A 40 7.68 30.87 -25.42
N LEU A 41 7.30 31.54 -24.34
CA LEU A 41 6.68 32.85 -24.39
C LEU A 41 7.72 33.93 -24.73
N GLY A 42 8.99 33.62 -24.56
CA GLY A 42 10.03 34.60 -24.86
C GLY A 42 10.17 35.81 -23.95
N GLY A 43 9.68 35.72 -22.71
CA GLY A 43 9.80 36.80 -21.74
C GLY A 43 11.02 36.62 -20.82
N ASP A 44 11.11 37.39 -19.74
CA ASP A 44 12.25 37.27 -18.84
C ASP A 44 11.92 36.31 -17.71
N PHE A 45 12.87 36.01 -16.83
CA PHE A 45 12.60 35.06 -15.75
C PHE A 45 11.83 35.65 -14.56
N LYS A 46 11.39 36.90 -14.71
CA LYS A 46 10.60 37.57 -13.66
C LYS A 46 9.15 37.73 -14.09
N GLY A 47 8.84 37.31 -15.32
CA GLY A 47 7.47 37.40 -15.80
C GLY A 47 7.17 38.59 -16.69
N VAL A 48 8.22 39.29 -17.13
CA VAL A 48 8.03 40.43 -18.01
C VAL A 48 8.65 40.14 -19.37
N GLY A 49 7.87 40.36 -20.44
CA GLY A 49 8.40 40.12 -21.76
C GLY A 49 7.64 39.13 -22.62
N LYS A 50 8.09 39.03 -23.87
CA LYS A 50 7.50 38.15 -24.88
C LYS A 50 8.35 38.32 -26.13
N GLY A 51 8.68 37.22 -26.77
CA GLY A 51 9.48 37.27 -27.98
C GLY A 51 9.43 35.93 -28.67
N SER A 52 9.53 35.92 -29.98
CA SER A 52 9.47 34.69 -30.73
C SER A 52 10.84 34.02 -30.93
N SER A 53 11.90 34.80 -30.81
CA SER A 53 13.24 34.28 -31.03
C SER A 53 13.69 33.16 -30.09
N ALA A 54 13.22 33.16 -28.85
CA ALA A 54 13.59 32.11 -27.91
C ALA A 54 13.26 30.75 -28.52
N ALA A 55 11.98 30.55 -28.84
CA ALA A 55 11.54 29.30 -29.41
C ALA A 55 12.11 29.07 -30.81
N ASP A 56 12.14 30.11 -31.64
CA ASP A 56 12.65 29.97 -32.99
C ASP A 56 14.09 29.50 -33.05
N LYS A 57 14.92 29.97 -32.13
CA LYS A 57 16.32 29.56 -32.13
C LYS A 57 16.49 28.07 -31.83
N VAL A 58 15.69 27.55 -30.89
CA VAL A 58 15.79 26.13 -30.51
C VAL A 58 15.30 25.26 -31.66
N VAL A 59 14.22 25.68 -32.30
CA VAL A 59 13.69 24.96 -33.43
C VAL A 59 14.72 24.95 -34.57
N GLU A 60 15.54 26.00 -34.61
CA GLU A 60 16.57 26.12 -35.63
C GLU A 60 17.72 25.20 -35.27
N GLU A 61 18.09 25.18 -33.98
CA GLU A 61 19.18 24.34 -33.52
C GLU A 61 18.81 22.88 -33.76
N ILE A 62 17.54 22.54 -33.50
CA ILE A 62 17.08 21.18 -33.71
C ILE A 62 17.19 20.82 -35.18
N ARG A 63 16.66 21.69 -36.03
CA ARG A 63 16.70 21.47 -37.47
C ARG A 63 18.12 21.23 -37.98
N ARG A 64 19.07 22.05 -37.54
CA ARG A 64 20.47 21.91 -37.96
C ARG A 64 21.07 20.58 -37.51
N ARG A 65 20.56 20.04 -36.40
CA ARG A 65 21.05 18.76 -35.91
C ARG A 65 20.34 17.59 -36.57
N GLY A 66 19.48 17.91 -37.53
CA GLY A 66 18.79 16.87 -38.29
C GLY A 66 17.47 16.36 -37.76
N GLY A 67 16.88 17.09 -36.82
CA GLY A 67 15.61 16.68 -36.25
C GLY A 67 14.44 17.51 -36.74
N LYS A 68 13.25 17.25 -36.20
CA LYS A 68 12.07 17.99 -36.61
C LYS A 68 11.31 18.58 -35.44
N ALA A 69 11.06 19.89 -35.50
CA ALA A 69 10.34 20.61 -34.46
C ALA A 69 9.57 21.78 -35.05
N VAL A 70 8.61 22.29 -34.29
CA VAL A 70 7.81 23.42 -34.72
C VAL A 70 7.70 24.28 -33.47
N ALA A 71 7.57 25.59 -33.62
CA ALA A 71 7.47 26.43 -32.43
C ALA A 71 6.04 26.84 -32.07
N ASN A 72 5.85 27.17 -30.79
CA ASN A 72 4.60 27.72 -30.31
C ASN A 72 5.04 28.87 -29.40
N TYR A 73 4.43 30.02 -29.63
CA TYR A 73 4.78 31.26 -28.91
C TYR A 73 3.81 31.68 -27.83
N ASP A 74 2.86 30.83 -27.51
CA ASP A 74 1.87 31.18 -26.52
C ASP A 74 2.31 30.98 -25.07
N SER A 75 1.66 31.72 -24.18
CA SER A 75 1.94 31.61 -22.75
C SER A 75 1.26 30.33 -22.30
N VAL A 76 1.88 29.59 -21.37
CA VAL A 76 1.27 28.38 -20.87
C VAL A 76 -0.10 28.75 -20.27
N GLU A 77 -0.31 30.03 -19.98
CA GLU A 77 -1.60 30.47 -19.43
C GLU A 77 -2.69 30.22 -20.49
N ALA A 78 -2.26 30.11 -21.74
CA ALA A 78 -3.18 29.81 -22.84
C ALA A 78 -2.84 28.38 -23.24
N GLY A 79 -2.68 27.52 -22.22
CA GLY A 79 -2.33 26.13 -22.40
C GLY A 79 -2.88 25.39 -23.60
N GLU A 80 -4.19 25.47 -23.79
CA GLU A 80 -4.88 24.80 -24.89
C GLU A 80 -4.24 25.05 -26.28
N LYS A 81 -3.62 26.21 -26.46
CA LYS A 81 -3.02 26.54 -27.74
C LYS A 81 -1.75 25.74 -28.05
N LEU A 82 -1.03 25.34 -27.02
CA LEU A 82 0.18 24.55 -27.21
C LEU A 82 -0.18 23.18 -27.75
N VAL A 83 -1.23 22.59 -27.21
CA VAL A 83 -1.65 21.27 -27.64
C VAL A 83 -2.17 21.35 -29.10
N LYS A 84 -2.86 22.45 -29.43
CA LYS A 84 -3.38 22.67 -30.78
C LYS A 84 -2.23 22.73 -31.81
N THR A 85 -1.12 23.35 -31.44
CA THR A 85 0.03 23.40 -32.33
C THR A 85 0.49 21.93 -32.57
N ALA A 86 0.46 21.11 -31.52
CA ALA A 86 0.85 19.70 -31.64
C ALA A 86 -0.14 18.95 -32.56
N LEU A 87 -1.43 19.19 -32.34
CA LEU A 87 -2.47 18.55 -33.15
C LEU A 87 -2.51 19.02 -34.60
N ASP A 88 -2.33 20.33 -34.81
CA ASP A 88 -2.35 20.88 -36.16
C ASP A 88 -1.08 20.56 -36.97
N THR A 89 0.07 20.50 -36.32
CA THR A 89 1.32 20.23 -37.02
C THR A 89 1.65 18.75 -37.19
N PHE A 90 1.46 17.97 -36.14
CA PHE A 90 1.81 16.55 -36.19
C PHE A 90 0.67 15.58 -36.11
N GLY A 91 -0.44 15.99 -35.48
CA GLY A 91 -1.60 15.13 -35.41
C GLY A 91 -1.86 14.31 -34.16
N ARG A 92 -0.96 14.40 -33.19
CA ARG A 92 -1.12 13.66 -31.94
C ARG A 92 -0.29 14.36 -30.86
N ILE A 93 -0.35 13.82 -29.65
CA ILE A 93 0.41 14.36 -28.53
C ILE A 93 0.69 13.20 -27.57
N ASP A 94 1.94 12.81 -27.47
CA ASP A 94 2.32 11.69 -26.60
C ASP A 94 2.88 12.10 -25.27
N VAL A 95 3.73 13.11 -25.25
CA VAL A 95 4.29 13.53 -24.00
C VAL A 95 4.27 15.04 -23.73
N VAL A 96 3.99 15.36 -22.47
CA VAL A 96 3.96 16.72 -22.05
C VAL A 96 4.96 17.01 -20.94
N VAL A 97 5.96 17.83 -21.24
CA VAL A 97 6.90 18.21 -20.18
C VAL A 97 6.60 19.66 -19.79
N ASN A 98 6.01 19.82 -18.62
CA ASN A 98 5.64 21.13 -18.07
C ASN A 98 6.85 21.69 -17.38
N ASN A 99 7.53 22.59 -18.06
CA ASN A 99 8.75 23.16 -17.55
C ASN A 99 8.74 24.69 -17.41
N ALA A 100 7.82 25.36 -18.10
CA ALA A 100 7.78 26.83 -18.05
C ALA A 100 7.70 27.34 -16.61
N GLY A 101 8.51 28.35 -16.32
CA GLY A 101 8.51 28.93 -14.99
C GLY A 101 9.21 30.27 -14.86
N ILE A 102 8.90 30.98 -13.78
CA ILE A 102 9.48 32.28 -13.48
C ILE A 102 9.67 32.41 -11.97
N LEU A 103 10.37 33.45 -11.55
CA LEU A 103 10.60 33.73 -10.14
C LEU A 103 10.09 35.11 -9.77
N ARG A 104 9.71 35.25 -8.50
CA ARG A 104 9.26 36.50 -7.91
C ARG A 104 9.56 36.37 -6.41
N ASP A 105 10.84 36.29 -6.10
CA ASP A 105 11.29 36.16 -4.72
C ASP A 105 11.16 37.44 -3.90
N ARG A 106 10.62 37.28 -2.69
CA ARG A 106 10.45 38.36 -1.72
C ARG A 106 10.21 37.72 -0.35
N SER A 107 10.57 38.41 0.73
CA SER A 107 10.32 37.86 2.07
C SER A 107 8.79 37.78 2.16
N PHE A 108 8.28 36.83 2.93
CA PHE A 108 6.83 36.64 3.02
C PHE A 108 5.95 37.89 3.12
N SER A 109 6.23 38.74 4.10
CA SER A 109 5.46 39.96 4.28
C SER A 109 5.44 40.84 3.01
N ARG A 110 6.53 40.81 2.25
CA ARG A 110 6.66 41.63 1.06
C ARG A 110 6.23 41.01 -0.27
N ILE A 111 5.58 39.85 -0.22
CA ILE A 111 5.11 39.22 -1.45
C ILE A 111 3.79 39.93 -1.77
N SER A 112 3.74 40.63 -2.90
CA SER A 112 2.51 41.34 -3.25
C SER A 112 1.53 40.36 -3.87
N ASP A 113 0.27 40.78 -3.97
CA ASP A 113 -0.75 39.94 -4.57
C ASP A 113 -0.36 39.49 -5.98
N GLU A 114 0.25 40.38 -6.75
CA GLU A 114 0.66 40.03 -8.10
C GLU A 114 1.86 39.07 -8.05
N ASP A 115 2.73 39.24 -7.04
CA ASP A 115 3.90 38.37 -6.88
C ASP A 115 3.42 36.95 -6.65
N TRP A 116 2.33 36.83 -5.92
CA TRP A 116 1.75 35.54 -5.64
C TRP A 116 1.02 34.94 -6.83
N ASP A 117 0.08 35.71 -7.37
CA ASP A 117 -0.75 35.26 -8.49
C ASP A 117 0.01 34.91 -9.75
N ILE A 118 1.02 35.70 -10.08
CA ILE A 118 1.73 35.39 -11.30
C ILE A 118 2.51 34.07 -11.20
N ILE A 119 3.07 33.78 -10.04
CA ILE A 119 3.81 32.55 -9.85
C ILE A 119 2.83 31.38 -9.98
N GLN A 120 1.64 31.50 -9.39
CA GLN A 120 0.63 30.45 -9.48
C GLN A 120 0.13 30.24 -10.91
N ARG A 121 -0.15 31.35 -11.61
CA ARG A 121 -0.66 31.29 -12.98
C ARG A 121 0.24 30.54 -13.95
N VAL A 122 1.53 30.85 -13.90
CA VAL A 122 2.48 30.25 -14.80
C VAL A 122 2.89 28.82 -14.47
N HIS A 123 3.19 28.59 -13.19
CA HIS A 123 3.63 27.27 -12.75
C HIS A 123 2.52 26.26 -12.65
N LEU A 124 1.57 26.52 -11.74
CA LEU A 124 0.47 25.60 -11.46
C LEU A 124 -0.71 25.60 -12.44
N ARG A 125 -1.34 26.76 -12.60
CA ARG A 125 -2.49 26.90 -13.49
C ARG A 125 -2.05 26.62 -14.92
N GLY A 126 -0.88 27.10 -15.27
CA GLY A 126 -0.37 26.85 -16.61
C GLY A 126 -0.17 25.35 -16.86
N SER A 127 0.43 24.63 -15.92
CA SER A 127 0.66 23.17 -16.10
C SER A 127 -0.67 22.45 -16.21
N PHE A 128 -1.62 22.87 -15.37
CA PHE A 128 -2.96 22.30 -15.37
C PHE A 128 -3.61 22.53 -16.75
N GLN A 129 -3.51 23.75 -17.27
CA GLN A 129 -4.11 24.05 -18.57
C GLN A 129 -3.50 23.23 -19.69
N VAL A 130 -2.16 23.23 -19.78
CA VAL A 130 -1.50 22.46 -20.82
C VAL A 130 -1.87 20.97 -20.71
N THR A 131 -1.78 20.43 -19.49
CA THR A 131 -2.07 19.01 -19.27
C THR A 131 -3.54 18.67 -19.53
N ARG A 132 -4.43 19.51 -19.03
CA ARG A 132 -5.85 19.25 -19.26
C ARG A 132 -6.15 19.24 -20.77
N ALA A 133 -5.49 20.10 -21.54
CA ALA A 133 -5.74 20.11 -23.00
C ALA A 133 -5.26 18.83 -23.67
N ALA A 134 -4.30 18.14 -23.08
CA ALA A 134 -3.79 16.92 -23.72
C ALA A 134 -4.45 15.67 -23.18
N TRP A 135 -5.12 15.79 -22.04
CA TRP A 135 -5.70 14.63 -21.39
C TRP A 135 -6.55 13.70 -22.24
N ASP A 136 -7.61 14.21 -22.86
CA ASP A 136 -8.46 13.34 -23.65
C ASP A 136 -7.73 12.77 -24.86
N HIS A 137 -6.75 13.49 -25.40
CA HIS A 137 -6.03 12.92 -26.52
C HIS A 137 -5.22 11.71 -26.07
N LYS A 139 -5.93 9.85 -23.53
CA LYS A 139 -6.86 8.80 -23.16
C LYS A 139 -7.31 8.04 -24.41
N LYS A 140 -7.54 8.75 -25.51
CA LYS A 140 -7.95 8.09 -26.75
C LYS A 140 -6.81 7.23 -27.30
N GLN A 141 -5.58 7.72 -27.17
CA GLN A 141 -4.39 7.00 -27.64
C GLN A 141 -4.08 5.85 -26.68
N ASN A 142 -4.67 5.88 -25.50
CA ASN A 142 -4.36 4.94 -24.43
C ASN A 142 -2.85 4.94 -24.19
N TYR A 143 -2.29 6.14 -24.17
CA TYR A 143 -0.86 6.34 -23.92
C TYR A 143 -0.55 7.81 -23.61
N GLY A 144 0.39 8.04 -22.69
CA GLY A 144 0.75 9.41 -22.37
C GLY A 144 1.87 9.45 -21.34
N ARG A 145 2.71 10.48 -21.43
CA ARG A 145 3.82 10.67 -20.48
C ARG A 145 3.84 12.14 -20.11
N ILE A 146 3.70 12.39 -18.81
CA ILE A 146 3.67 13.75 -18.31
C ILE A 146 4.73 13.98 -17.25
N ILE A 147 5.35 15.16 -17.31
CA ILE A 147 6.36 15.57 -16.36
C ILE A 147 5.93 16.91 -15.70
N THR A 149 7.32 19.83 -13.07
CA THR A 149 8.59 20.27 -12.55
C THR A 149 8.35 20.96 -11.23
N ALA A 150 8.78 20.32 -10.15
CA ALA A 150 8.63 20.88 -8.79
C ALA A 150 10.00 21.40 -8.44
N SER A 151 10.36 21.39 -7.16
CA SER A 151 11.68 21.87 -6.77
C SER A 151 11.99 21.56 -5.35
N ALA A 152 13.29 21.63 -5.03
CA ALA A 152 13.73 21.41 -3.68
C ALA A 152 13.12 22.49 -2.75
N SER A 153 12.98 23.72 -3.23
CA SER A 153 12.40 24.76 -2.39
C SER A 153 10.94 24.40 -2.06
N GLY A 154 10.26 23.74 -2.98
CA GLY A 154 8.90 23.33 -2.67
C GLY A 154 8.88 22.16 -1.68
N ILE A 155 9.85 21.24 -1.80
CA ILE A 155 9.87 20.08 -0.93
C ILE A 155 10.34 20.38 0.49
N TYR A 156 11.36 21.23 0.62
CA TYR A 156 11.94 21.56 1.91
C TYR A 156 11.60 22.96 2.41
N GLY A 157 11.18 23.83 1.48
CA GLY A 157 10.88 25.20 1.81
C GLY A 157 12.15 25.99 1.57
N ASN A 158 12.05 27.29 1.33
CA ASN A 158 13.27 28.10 1.10
C ASN A 158 13.00 29.58 1.33
N PHE A 159 13.85 30.20 2.14
CA PHE A 159 13.70 31.61 2.46
C PHE A 159 13.46 32.48 1.22
N GLY A 160 12.45 33.34 1.31
CA GLY A 160 12.11 34.25 0.23
C GLY A 160 11.38 33.69 -0.98
N GLN A 161 10.86 32.47 -0.87
CA GLN A 161 10.17 31.85 -2.00
C GLN A 161 8.84 31.21 -1.61
N ALA A 162 8.12 31.77 -0.65
CA ALA A 162 6.87 31.16 -0.25
C ALA A 162 5.90 30.92 -1.41
N ASN A 163 5.87 31.85 -2.36
CA ASN A 163 4.97 31.72 -3.51
C ASN A 163 5.41 30.60 -4.44
N TYR A 164 6.70 30.57 -4.72
CA TYR A 164 7.31 29.58 -5.59
C TYR A 164 7.20 28.18 -4.96
N SER A 165 7.52 28.08 -3.68
CA SER A 165 7.50 26.78 -3.03
C SER A 165 6.07 26.23 -2.97
N ALA A 166 5.07 27.08 -2.76
CA ALA A 166 3.70 26.59 -2.69
C ALA A 166 3.26 26.11 -4.08
N ALA A 167 3.67 26.82 -5.11
CA ALA A 167 3.29 26.43 -6.46
C ALA A 167 3.95 25.11 -6.83
N LYS A 168 5.22 24.97 -6.48
CA LYS A 168 5.93 23.76 -6.81
C LYS A 168 5.37 22.52 -6.10
N LEU A 169 5.08 22.56 -4.80
CA LEU A 169 4.50 21.37 -4.18
C LEU A 169 3.07 21.22 -4.68
N GLY A 170 2.49 22.35 -5.11
CA GLY A 170 1.13 22.31 -5.65
C GLY A 170 1.09 21.45 -6.91
N LEU A 171 2.17 21.50 -7.69
CA LEU A 171 2.28 20.72 -8.91
C LEU A 171 2.33 19.22 -8.59
N LEU A 172 2.95 18.90 -7.46
CA LEU A 172 3.09 17.53 -7.01
C LEU A 172 1.72 16.98 -6.60
N GLY A 173 0.90 17.82 -5.99
CA GLY A 173 -0.42 17.38 -5.58
C GLY A 173 -1.30 17.18 -6.81
N LEU A 174 -0.99 17.93 -7.87
CA LEU A 174 -1.75 17.80 -9.10
C LEU A 174 -1.37 16.46 -9.71
N ALA A 175 -0.08 16.17 -9.76
CA ALA A 175 0.41 14.93 -10.37
C ALA A 175 -0.06 13.71 -9.60
N ASN A 176 -0.16 13.82 -8.27
CA ASN A 176 -0.62 12.69 -7.44
C ASN A 176 -1.94 12.13 -7.94
N THR A 177 -2.87 13.05 -8.25
CA THR A 177 -4.19 12.69 -8.76
C THR A 177 -4.11 12.23 -10.22
N LEU A 178 -3.40 12.97 -11.07
CA LEU A 178 -3.32 12.54 -12.46
C LEU A 178 -2.81 11.13 -12.54
N VAL A 179 -1.97 10.73 -11.59
CA VAL A 179 -1.41 9.37 -11.56
C VAL A 179 -2.53 8.33 -11.37
N ILE A 180 -3.50 8.67 -10.54
CA ILE A 180 -4.63 7.76 -10.28
C ILE A 180 -5.60 7.77 -11.46
N GLU A 181 -5.96 8.95 -11.93
CA GLU A 181 -6.90 9.01 -13.04
C GLU A 181 -6.37 8.54 -14.38
N GLY A 182 -5.06 8.60 -14.61
CA GLY A 182 -4.56 8.20 -15.91
C GLY A 182 -4.09 6.76 -16.03
N ARG A 183 -4.14 6.03 -14.92
CA ARG A 183 -3.67 4.64 -14.82
C ARG A 183 -4.20 3.64 -15.82
N LYS A 184 -5.52 3.52 -15.88
CA LYS A 184 -6.13 2.58 -16.80
C LYS A 184 -5.79 2.88 -18.29
N ASN A 185 -5.38 4.10 -18.59
CA ASN A 185 -5.04 4.49 -19.98
C ASN A 185 -3.56 4.61 -20.29
N ASN A 186 -2.72 4.10 -19.39
CA ASN A 186 -1.26 4.13 -19.58
C ASN A 186 -0.71 5.54 -19.68
N ILE A 187 -1.29 6.43 -18.89
CA ILE A 187 -0.81 7.80 -18.85
C ILE A 187 -0.03 7.91 -17.54
N HIS A 188 1.30 7.97 -17.65
CA HIS A 188 2.19 8.10 -16.49
C HIS A 188 2.46 9.58 -16.22
N CYS A 189 2.59 9.92 -14.94
CA CYS A 189 2.90 11.28 -14.57
C CYS A 189 3.96 11.22 -13.48
N ASN A 190 5.10 11.85 -13.72
CA ASN A 190 6.18 11.87 -12.76
C ASN A 190 6.62 13.30 -12.54
N THR A 191 7.20 13.53 -11.37
CA THR A 191 7.63 14.84 -10.96
C THR A 191 9.11 14.89 -10.68
N ILE A 192 9.74 16.01 -11.02
CA ILE A 192 11.15 16.18 -10.78
C ILE A 192 11.46 17.49 -10.04
N ALA A 193 12.61 17.51 -9.36
CA ALA A 193 13.09 18.67 -8.63
C ALA A 193 14.54 18.74 -9.12
N PRO A 194 14.76 19.46 -10.23
CA PRO A 194 16.06 19.61 -10.87
C PRO A 194 17.03 20.61 -10.26
N ASN A 195 18.31 20.46 -10.59
CA ASN A 195 19.32 21.38 -10.11
C ASN A 195 20.23 21.59 -11.28
N ALA A 196 20.08 22.75 -11.89
CA ALA A 196 20.86 23.08 -13.06
C ALA A 196 21.10 24.58 -13.13
N GLY A 197 22.26 24.96 -13.65
CA GLY A 197 22.59 26.36 -13.76
C GLY A 197 21.86 27.04 -14.90
N SER A 198 21.15 28.13 -14.58
CA SER A 198 20.40 28.90 -15.56
C SER A 198 20.24 30.35 -15.10
N ARG A 199 19.67 31.18 -15.98
CA ARG A 199 19.40 32.59 -15.71
C ARG A 199 18.56 32.71 -14.43
N THR A 201 18.88 30.86 -11.83
CA THR A 201 19.62 30.38 -10.66
C THR A 201 20.91 31.06 -10.26
N GLU A 202 21.31 32.01 -11.09
CA GLU A 202 22.51 32.77 -10.86
C GLU A 202 22.59 33.37 -9.46
N THR A 203 21.51 34.03 -9.05
CA THR A 203 21.42 34.66 -7.74
C THR A 203 21.51 33.69 -6.54
N VAL A 204 21.32 32.40 -6.78
CA VAL A 204 21.41 31.39 -5.70
C VAL A 204 22.53 30.35 -5.97
N PRO A 206 26.98 30.13 -6.99
CA PRO A 206 28.19 30.85 -7.41
C PRO A 206 28.27 30.65 -8.94
N GLU A 207 28.71 31.68 -9.65
CA GLU A 207 28.81 31.64 -11.10
C GLU A 207 29.41 30.36 -11.69
N ASP A 208 30.52 29.89 -11.13
CA ASP A 208 31.15 28.69 -11.64
C ASP A 208 30.28 27.46 -11.39
N LEU A 209 29.49 27.48 -10.33
CA LEU A 209 28.63 26.35 -10.07
C LEU A 209 27.52 26.38 -11.12
N VAL A 210 27.10 27.59 -11.51
CA VAL A 210 26.07 27.74 -12.52
C VAL A 210 26.53 27.07 -13.82
N GLU A 211 27.70 27.45 -14.33
CA GLU A 211 28.20 26.87 -15.56
C GLU A 211 28.48 25.35 -15.48
N ALA A 212 28.78 24.85 -14.28
CA ALA A 212 29.08 23.42 -14.11
C ALA A 212 27.88 22.48 -13.95
N LEU A 213 26.77 22.98 -13.40
CA LEU A 213 25.58 22.15 -13.23
C LEU A 213 24.72 22.22 -14.49
N LYS A 214 25.15 21.49 -15.51
CA LYS A 214 24.45 21.49 -16.77
C LYS A 214 23.02 20.95 -16.86
N PRO A 215 22.20 21.62 -17.68
CA PRO A 215 20.80 21.20 -17.88
C PRO A 215 20.84 19.82 -18.53
N GLU A 216 21.93 19.53 -19.24
CA GLU A 216 22.12 18.24 -19.89
C GLU A 216 22.27 17.07 -18.92
N TYR A 217 22.47 17.35 -17.64
CA TYR A 217 22.59 16.30 -16.64
C TYR A 217 21.21 15.91 -16.14
N VAL A 218 20.18 16.68 -16.46
CA VAL A 218 18.85 16.29 -16.01
C VAL A 218 18.02 15.76 -17.18
N ALA A 219 18.29 16.25 -18.40
CA ALA A 219 17.55 15.76 -19.56
C ALA A 219 17.46 14.21 -19.60
N PRO A 220 18.57 13.50 -19.36
CA PRO A 220 18.53 12.02 -19.39
C PRO A 220 17.43 11.39 -18.54
N LEU A 221 17.17 11.95 -17.36
CA LEU A 221 16.15 11.44 -16.50
C LEU A 221 14.78 11.69 -17.13
N VAL A 222 14.57 12.91 -17.62
CA VAL A 222 13.31 13.27 -18.26
C VAL A 222 13.02 12.37 -19.46
N LEU A 223 14.03 12.08 -20.27
CA LEU A 223 13.81 11.19 -21.40
C LEU A 223 13.40 9.78 -20.98
N TRP A 224 14.01 9.23 -19.94
CA TRP A 224 13.66 7.89 -19.49
C TRP A 224 12.23 7.84 -18.96
N LEU A 225 11.86 8.81 -18.12
CA LEU A 225 10.52 8.86 -17.57
C LEU A 225 9.43 9.12 -18.63
N CYS A 226 9.83 9.55 -19.83
CA CYS A 226 8.83 9.80 -20.88
C CYS A 226 8.88 8.73 -21.97
N HIS A 227 9.71 7.70 -21.79
CA HIS A 227 9.84 6.65 -22.79
C HIS A 227 8.70 5.60 -22.64
N GLU A 228 8.29 5.01 -23.75
CA GLU A 228 7.21 4.04 -23.70
C GLU A 228 7.52 2.84 -22.80
N SER A 229 8.79 2.43 -22.74
CA SER A 229 9.19 1.29 -21.93
C SER A 229 9.39 1.59 -20.46
N CYS A 230 9.26 2.85 -20.06
CA CYS A 230 9.40 3.14 -18.64
C CYS A 230 8.07 2.83 -17.95
N GLU A 231 8.11 2.28 -16.75
CA GLU A 231 6.88 1.95 -16.04
C GLU A 231 6.69 2.81 -14.80
N GLU A 232 7.66 3.68 -14.51
CA GLU A 232 7.56 4.56 -13.35
C GLU A 232 6.34 5.47 -13.49
N ASN A 233 5.55 5.56 -12.45
CA ASN A 233 4.36 6.41 -12.49
C ASN A 233 4.12 7.01 -11.10
N GLY A 234 4.12 8.34 -11.02
CA GLY A 234 3.92 9.00 -9.74
C GLY A 234 5.18 9.10 -8.89
N GLY A 235 6.36 9.06 -9.52
CA GLY A 235 7.56 9.17 -8.71
C GLY A 235 7.95 10.64 -8.53
N LEU A 236 8.74 10.91 -7.50
CA LEU A 236 9.26 12.24 -7.25
C LEU A 236 10.77 12.06 -7.19
N PHE A 237 11.49 12.75 -8.06
CA PHE A 237 12.94 12.62 -8.12
C PHE A 237 13.68 13.93 -8.03
N GLU A 238 14.83 13.91 -7.34
CA GLU A 238 15.70 15.09 -7.26
C GLU A 238 16.78 14.70 -8.23
N VAL A 239 17.23 15.64 -9.05
CA VAL A 239 18.22 15.32 -10.04
C VAL A 239 19.19 16.43 -10.31
N GLY A 240 20.46 16.09 -10.35
CA GLY A 240 21.48 17.07 -10.67
C GLY A 240 22.88 16.54 -10.71
N ALA A 241 23.75 17.22 -11.47
CA ALA A 241 25.17 16.91 -11.62
C ALA A 241 25.53 15.53 -12.16
N GLY A 242 24.53 14.70 -12.40
CA GLY A 242 24.81 13.36 -12.87
C GLY A 242 24.26 12.36 -11.86
N TRP A 243 23.64 12.88 -10.80
CA TRP A 243 23.08 12.05 -9.75
C TRP A 243 21.55 12.12 -9.78
N ILE A 244 20.91 11.01 -9.38
CA ILE A 244 19.45 10.95 -9.31
C ILE A 244 19.06 10.22 -8.05
N GLY A 245 18.04 10.73 -7.37
CA GLY A 245 17.54 10.12 -6.14
C GLY A 245 16.03 10.21 -6.12
N LYS A 246 15.39 9.31 -5.36
CA LYS A 246 13.95 9.27 -5.30
C LYS A 246 13.40 9.51 -3.88
N LEU A 247 12.29 10.23 -3.78
CA LEU A 247 11.68 10.56 -2.50
C LEU A 247 10.33 9.94 -2.30
N ARG A 248 9.96 9.69 -1.05
CA ARG A 248 8.64 9.15 -0.76
C ARG A 248 8.28 9.45 0.67
N TRP A 249 6.99 9.39 1.00
CA TRP A 249 6.53 9.64 2.34
C TRP A 249 6.71 8.42 3.23
N GLU A 250 6.89 8.69 4.51
CA GLU A 250 7.07 7.68 5.52
C GLU A 250 6.18 8.22 6.63
N ARG A 251 5.41 7.37 7.29
CA ARG A 251 4.49 7.84 8.33
C ARG A 251 4.67 7.10 9.64
N THR A 252 4.64 7.82 10.76
CA THR A 252 4.83 7.14 12.05
C THR A 252 3.68 6.19 12.34
N LEU A 253 3.96 5.12 13.07
CA LEU A 253 2.88 4.20 13.42
C LEU A 253 1.90 5.04 14.21
N GLY A 254 2.42 6.01 14.96
CA GLY A 254 1.58 6.94 15.71
C GLY A 254 1.00 6.52 17.04
N ALA A 255 -0.09 7.18 17.42
CA ALA A 255 -0.75 6.86 18.68
C ALA A 255 -2.24 7.11 18.68
N ILE A 256 -2.95 6.21 19.33
CA ILE A 256 -4.38 6.36 19.50
C ILE A 256 -4.42 7.04 20.88
N VAL A 257 -4.76 8.32 20.93
CA VAL A 257 -4.79 9.07 22.20
C VAL A 257 -6.16 9.07 22.82
N ARG A 258 -7.13 8.53 22.12
CA ARG A 258 -8.50 8.49 22.62
C ARG A 258 -8.88 7.13 23.20
N LYS A 259 -9.67 7.16 24.26
CA LYS A 259 -10.14 5.93 24.91
C LYS A 259 -11.66 5.90 24.87
N ARG A 260 -12.22 4.69 24.87
CA ARG A 260 -13.69 4.52 24.83
C ARG A 260 -14.37 5.39 25.89
N ASN A 261 -15.36 6.17 25.46
CA ASN A 261 -16.09 7.08 26.36
C ASN A 261 -15.22 7.72 27.44
N GLN A 262 -14.46 8.73 27.00
CA GLN A 262 -13.55 9.52 27.82
C GLN A 262 -13.08 10.59 26.83
N PRO A 263 -13.64 11.81 26.93
CA PRO A 263 -13.26 12.89 26.01
C PRO A 263 -11.76 12.99 25.71
N THR A 265 -8.43 14.87 24.94
CA THR A 265 -7.93 16.16 25.38
C THR A 265 -6.60 16.57 24.76
N PRO A 266 -6.32 17.88 24.74
CA PRO A 266 -5.08 18.44 24.20
C PRO A 266 -3.90 17.94 25.02
N GLU A 267 -4.13 17.79 26.32
CA GLU A 267 -3.09 17.32 27.23
C GLU A 267 -2.70 15.89 26.87
N ALA A 268 -3.68 15.09 26.44
CA ALA A 268 -3.40 13.72 26.07
C ALA A 268 -2.50 13.70 24.83
N VAL A 269 -2.76 14.61 23.89
CA VAL A 269 -1.94 14.66 22.71
C VAL A 269 -0.52 14.97 23.13
N ARG A 270 -0.37 16.01 23.96
CA ARG A 270 0.96 16.41 24.44
C ARG A 270 1.64 15.25 25.16
N ASP A 271 0.87 14.49 25.92
CA ASP A 271 1.43 13.38 26.65
C ASP A 271 1.93 12.22 25.78
N ASN A 272 1.41 12.11 24.56
CA ASN A 272 1.80 11.05 23.63
C ASN A 272 2.66 11.59 22.49
N TRP A 273 3.21 12.78 22.69
CA TRP A 273 4.00 13.39 21.64
C TRP A 273 5.21 12.57 21.19
N VAL A 274 6.03 12.08 22.12
CA VAL A 274 7.18 11.28 21.74
C VAL A 274 6.73 10.09 20.88
N LYS A 275 5.64 9.44 21.26
CA LYS A 275 5.14 8.30 20.50
C LYS A 275 4.64 8.74 19.13
N ILE A 276 3.84 9.80 19.12
CA ILE A 276 3.28 10.30 17.87
C ILE A 276 4.38 10.65 16.86
N CYS A 277 5.51 11.14 17.34
CA CYS A 277 6.58 11.55 16.46
C CYS A 277 7.73 10.54 16.26
N ASP A 278 7.59 9.32 16.80
CA ASP A 278 8.66 8.33 16.65
C ASP A 278 8.53 7.57 15.33
N PHE A 279 9.58 7.62 14.52
CA PHE A 279 9.56 6.99 13.19
C PHE A 279 10.07 5.53 13.10
N SER A 280 10.39 4.90 14.25
CA SER A 280 10.86 3.50 14.23
C SER A 280 9.76 2.64 13.57
N ASN A 281 10.13 1.83 12.59
CA ASN A 281 9.17 0.98 11.90
C ASN A 281 8.03 1.76 11.22
N ALA A 282 8.31 3.01 10.87
CA ALA A 282 7.30 3.85 10.22
C ALA A 282 6.76 3.11 9.00
N SER A 283 5.56 3.41 8.58
CA SER A 283 5.06 2.73 7.40
C SER A 283 5.27 3.64 6.17
N LYS A 284 5.05 3.09 4.99
CA LYS A 284 5.22 3.83 3.74
C LYS A 284 3.86 3.91 3.03
N PRO A 285 2.99 4.84 3.48
CA PRO A 285 1.64 5.01 2.91
C PRO A 285 1.66 5.37 1.42
N LYS A 286 0.73 4.83 0.66
CA LYS A 286 0.71 5.10 -0.77
C LYS A 286 -0.64 5.55 -1.31
N SER A 287 -1.71 5.36 -0.55
CA SER A 287 -3.03 5.73 -1.07
C SER A 287 -4.01 6.30 -0.07
N ILE A 288 -4.94 7.10 -0.58
CA ILE A 288 -5.94 7.65 0.30
C ILE A 288 -6.82 6.49 0.83
N GLN A 289 -7.09 5.45 0.02
CA GLN A 289 -7.91 4.31 0.49
C GLN A 289 -7.29 3.60 1.71
N GLU A 290 -5.98 3.43 1.71
CA GLU A 290 -5.32 2.78 2.83
C GLU A 290 -5.34 3.71 4.05
N SER A 291 -5.31 5.02 3.80
CA SER A 291 -5.36 5.99 4.88
C SER A 291 -6.77 5.97 5.49
N THR A 292 -7.77 5.86 4.63
CA THR A 292 -9.16 5.83 5.08
C THR A 292 -9.42 4.48 5.78
N GLY A 293 -8.85 3.42 5.22
CA GLY A 293 -9.02 2.12 5.84
C GLY A 293 -8.41 2.15 7.23
N GLY A 294 -7.30 2.87 7.39
CA GLY A 294 -6.64 2.96 8.67
C GLY A 294 -7.43 3.68 9.76
N ILE A 295 -8.00 4.83 9.42
CA ILE A 295 -8.78 5.61 10.37
C ILE A 295 -9.98 4.80 10.83
N ILE A 296 -10.56 4.04 9.90
CA ILE A 296 -11.70 3.19 10.22
C ILE A 296 -11.28 2.06 11.15
N GLU A 297 -10.04 1.59 11.02
CA GLU A 297 -9.56 0.52 11.86
C GLU A 297 -9.28 1.07 13.25
N VAL A 298 -8.97 2.36 13.34
CA VAL A 298 -8.74 2.98 14.64
C VAL A 298 -10.07 2.94 15.41
N LEU A 299 -11.18 3.24 14.73
CA LEU A 299 -12.47 3.21 15.41
C LEU A 299 -12.71 1.83 16.00
N HIS A 300 -12.51 0.80 15.19
CA HIS A 300 -12.70 -0.57 15.65
C HIS A 300 -11.83 -0.93 16.85
N LYS A 301 -10.53 -0.64 16.76
CA LYS A 301 -9.61 -0.94 17.84
C LYS A 301 -10.04 -0.27 19.14
N ILE A 302 -10.52 0.96 19.05
CA ILE A 302 -10.95 1.69 20.24
C ILE A 302 -12.24 1.12 20.84
N ASP A 303 -13.19 0.75 19.99
CA ASP A 303 -14.46 0.20 20.46
C ASP A 303 -14.42 -1.33 20.45
N SER A 304 -13.37 -1.92 20.78
N SER B 3 0.63 20.99 33.73
CA SER B 3 -0.36 22.12 33.77
C SER B 3 -1.31 22.03 32.58
N PRO B 4 -2.62 22.22 32.82
CA PRO B 4 -3.60 22.15 31.73
C PRO B 4 -3.36 23.23 30.68
N LEU B 5 -3.62 22.88 29.41
CA LEU B 5 -3.40 23.80 28.29
C LEU B 5 -4.41 24.94 28.23
N ARG B 6 -3.92 26.15 28.49
CA ARG B 6 -4.76 27.35 28.46
C ARG B 6 -4.27 28.30 27.37
N PHE B 7 -5.18 29.16 26.91
CA PHE B 7 -4.85 30.14 25.88
C PHE B 7 -5.30 31.52 26.35
N ASP B 8 -5.45 31.67 27.66
CA ASP B 8 -5.84 32.94 28.25
C ASP B 8 -5.00 34.07 27.66
N GLY B 9 -5.66 35.12 27.19
CA GLY B 9 -4.95 36.25 26.62
C GLY B 9 -4.49 36.09 25.18
N ARG B 10 -4.59 34.88 24.64
CA ARG B 10 -4.15 34.64 23.26
C ARG B 10 -5.31 34.88 22.32
N VAL B 11 -5.08 35.67 21.28
CA VAL B 11 -6.11 35.93 20.30
C VAL B 11 -5.99 34.88 19.20
N VAL B 12 -7.09 34.19 18.93
CA VAL B 12 -7.11 33.13 17.95
C VAL B 12 -8.11 33.34 16.83
N LEU B 13 -7.60 33.47 15.60
CA LEU B 13 -8.44 33.62 14.43
C LEU B 13 -8.62 32.24 13.77
N VAL B 14 -9.85 31.84 13.53
CA VAL B 14 -10.14 30.56 12.90
C VAL B 14 -10.97 30.89 11.67
N THR B 15 -10.55 30.44 10.49
CA THR B 15 -11.32 30.75 9.30
C THR B 15 -12.30 29.63 8.95
N GLY B 16 -13.43 30.01 8.36
CA GLY B 16 -14.44 29.02 8.02
C GLY B 16 -14.92 28.28 9.24
N ALA B 17 -15.03 28.97 10.36
CA ALA B 17 -15.44 28.34 11.61
C ALA B 17 -16.95 28.26 11.90
N GLY B 18 -17.77 28.41 10.85
CA GLY B 18 -19.21 28.34 11.04
C GLY B 18 -19.72 26.93 11.30
N GLY B 19 -18.93 25.94 10.89
CA GLY B 19 -19.31 24.56 11.10
C GLY B 19 -18.13 23.60 11.05
N GLY B 20 -18.43 22.31 11.18
CA GLY B 20 -17.42 21.28 11.15
C GLY B 20 -16.18 21.48 12.01
N LEU B 21 -15.03 21.30 11.38
CA LEU B 21 -13.75 21.45 12.04
C LEU B 21 -13.55 22.84 12.64
N GLY B 22 -13.78 23.89 11.85
CA GLY B 22 -13.60 25.24 12.32
C GLY B 22 -14.32 25.54 13.63
N ARG B 23 -15.64 25.39 13.61
CA ARG B 23 -16.46 25.64 14.80
C ARG B 23 -15.91 24.83 15.99
N ALA B 24 -15.55 23.58 15.75
CA ALA B 24 -15.02 22.73 16.82
C ALA B 24 -13.73 23.30 17.41
N TYR B 25 -12.91 23.95 16.57
CA TYR B 25 -11.67 24.58 17.07
C TYR B 25 -12.06 25.86 17.82
N ALA B 26 -13.02 26.62 17.27
CA ALA B 26 -13.47 27.85 17.88
C ALA B 26 -13.95 27.59 19.30
N LEU B 27 -14.77 26.54 19.45
CA LEU B 27 -15.33 26.14 20.73
C LEU B 27 -14.28 25.57 21.68
N ALA B 28 -13.35 24.79 21.15
CA ALA B 28 -12.30 24.18 21.96
C ALA B 28 -11.39 25.26 22.53
N PHE B 29 -10.98 26.20 21.67
CA PHE B 29 -10.10 27.29 22.07
C PHE B 29 -10.71 28.19 23.13
N ALA B 30 -11.80 28.86 22.78
CA ALA B 30 -12.48 29.79 23.70
C ALA B 30 -12.73 29.19 25.09
N GLU B 31 -13.05 27.91 25.14
CA GLU B 31 -13.32 27.23 26.41
C GLU B 31 -12.06 27.15 27.30
N ARG B 32 -10.91 27.43 26.70
CA ARG B 32 -9.66 27.40 27.45
C ARG B 32 -9.07 28.80 27.58
N GLY B 33 -9.96 29.79 27.48
CA GLY B 33 -9.60 31.19 27.66
C GLY B 33 -9.18 31.99 26.45
N ALA B 34 -9.24 31.42 25.26
CA ALA B 34 -8.84 32.15 24.07
C ALA B 34 -9.80 33.26 23.63
N LEU B 35 -9.25 34.36 23.14
CA LEU B 35 -10.07 35.46 22.63
C LEU B 35 -10.16 35.10 21.13
N VAL B 36 -11.29 34.49 20.75
CA VAL B 36 -11.51 33.99 19.39
C VAL B 36 -12.22 34.86 18.36
N VAL B 37 -11.60 35.02 17.19
CA VAL B 37 -12.24 35.76 16.11
C VAL B 37 -12.77 34.68 15.19
N VAL B 38 -14.08 34.47 15.24
CA VAL B 38 -14.74 33.45 14.43
C VAL B 38 -15.07 34.03 13.06
N ASN B 39 -14.51 33.43 12.02
CA ASN B 39 -14.79 33.91 10.68
C ASN B 39 -15.49 32.86 9.85
N ASP B 40 -16.36 33.34 8.97
CA ASP B 40 -17.06 32.46 8.06
C ASP B 40 -17.84 33.29 7.08
N LEU B 41 -17.68 32.95 5.80
CA LEU B 41 -18.34 33.68 4.74
C LEU B 41 -19.85 33.50 4.73
N GLY B 42 -20.35 32.51 5.46
CA GLY B 42 -21.78 32.28 5.50
C GLY B 42 -22.32 32.07 4.09
N GLY B 43 -21.86 31.01 3.44
CA GLY B 43 -22.28 30.70 2.09
C GLY B 43 -22.22 29.18 1.85
N SER B 52 -23.96 35.52 6.98
CA SER B 52 -23.61 36.22 8.25
C SER B 52 -24.10 35.48 9.51
N SER B 53 -25.10 34.62 9.35
CA SER B 53 -25.64 33.86 10.49
C SER B 53 -24.73 32.72 10.90
N ALA B 54 -23.94 32.21 9.95
CA ALA B 54 -23.04 31.09 10.22
C ALA B 54 -22.10 31.38 11.39
N ALA B 55 -21.34 32.47 11.28
CA ALA B 55 -20.42 32.88 12.33
C ALA B 55 -21.15 33.27 13.61
N ASP B 56 -22.12 34.18 13.47
CA ASP B 56 -22.90 34.63 14.61
C ASP B 56 -23.32 33.50 15.53
N LYS B 57 -23.80 32.40 14.97
CA LYS B 57 -24.25 31.28 15.79
C LYS B 57 -23.16 30.67 16.66
N VAL B 58 -21.94 30.59 16.13
CA VAL B 58 -20.86 29.99 16.90
C VAL B 58 -20.42 30.95 18.00
N VAL B 59 -20.34 32.23 17.66
CA VAL B 59 -19.97 33.26 18.62
C VAL B 59 -20.92 33.09 19.81
N GLU B 60 -22.22 33.11 19.52
CA GLU B 60 -23.27 32.97 20.53
C GLU B 60 -23.00 31.78 21.44
N GLU B 61 -22.72 30.63 20.82
CA GLU B 61 -22.42 29.41 21.55
C GLU B 61 -21.26 29.63 22.52
N ILE B 62 -20.25 30.36 22.06
CA ILE B 62 -19.07 30.65 22.85
C ILE B 62 -19.41 31.56 24.02
N ARG B 63 -20.04 32.69 23.72
CA ARG B 63 -20.42 33.63 24.77
C ARG B 63 -21.29 32.93 25.80
N ARG B 64 -22.25 32.17 25.31
CA ARG B 64 -23.13 31.41 26.18
C ARG B 64 -22.34 30.45 27.05
N ARG B 65 -21.28 29.87 26.48
CA ARG B 65 -20.45 28.90 27.21
C ARG B 65 -19.54 29.58 28.25
N GLY B 66 -19.54 30.92 28.26
CA GLY B 66 -18.72 31.63 29.20
C GLY B 66 -17.34 31.97 28.65
N GLY B 67 -17.27 32.13 27.34
CA GLY B 67 -16.01 32.47 26.68
C GLY B 67 -16.16 33.78 25.91
N LYS B 68 -15.06 34.28 25.37
CA LYS B 68 -15.09 35.53 24.62
C LYS B 68 -14.83 35.33 23.13
N ALA B 69 -15.56 36.03 22.28
CA ALA B 69 -15.40 35.92 20.83
C ALA B 69 -16.13 37.02 20.08
N VAL B 70 -15.75 37.22 18.81
CA VAL B 70 -16.43 38.16 17.91
C VAL B 70 -16.45 37.51 16.54
N ALA B 71 -17.29 38.03 15.65
CA ALA B 71 -17.42 37.44 14.33
C ALA B 71 -16.81 38.27 13.21
N ASN B 72 -16.51 37.60 12.12
CA ASN B 72 -16.01 38.24 10.91
C ASN B 72 -16.73 37.51 9.77
N TYR B 73 -17.29 38.29 8.85
CA TYR B 73 -18.07 37.73 7.76
C TYR B 73 -17.41 37.78 6.38
N ASP B 74 -16.16 38.20 6.33
CA ASP B 74 -15.47 38.29 5.06
C ASP B 74 -14.89 37.00 4.51
N SER B 75 -14.57 37.06 3.23
CA SER B 75 -13.98 35.92 2.52
C SER B 75 -12.50 35.90 2.85
N VAL B 76 -11.94 34.70 3.02
CA VAL B 76 -10.51 34.59 3.30
C VAL B 76 -9.76 35.28 2.16
N GLU B 77 -10.44 35.50 1.04
CA GLU B 77 -9.80 36.19 -0.08
C GLU B 77 -9.48 37.61 0.39
N ALA B 78 -10.30 38.12 1.31
CA ALA B 78 -10.14 39.45 1.89
C ALA B 78 -9.38 39.33 3.22
N GLY B 79 -8.39 38.45 3.23
CA GLY B 79 -7.59 38.19 4.42
C GLY B 79 -7.26 39.35 5.34
N GLU B 80 -6.78 40.45 4.77
CA GLU B 80 -6.43 41.62 5.58
C GLU B 80 -7.56 41.99 6.55
N LYS B 81 -8.81 41.85 6.10
CA LYS B 81 -9.96 42.17 6.93
C LYS B 81 -10.15 41.23 8.11
N LEU B 82 -9.85 39.96 7.95
CA LEU B 82 -10.03 39.03 9.06
C LEU B 82 -9.08 39.34 10.22
N VAL B 83 -7.86 39.75 9.90
CA VAL B 83 -6.90 40.08 10.93
C VAL B 83 -7.24 41.44 11.56
N LYS B 84 -7.77 42.36 10.76
CA LYS B 84 -8.18 43.67 11.23
C LYS B 84 -9.20 43.48 12.36
N THR B 85 -10.12 42.55 12.17
CA THR B 85 -11.13 42.26 13.18
C THR B 85 -10.47 41.78 14.47
N ALA B 86 -9.37 41.03 14.37
CA ALA B 86 -8.69 40.56 15.58
C ALA B 86 -8.00 41.74 16.25
N LEU B 87 -7.34 42.57 15.45
CA LEU B 87 -6.61 43.71 15.97
C LEU B 87 -7.52 44.80 16.53
N ASP B 88 -8.51 45.22 15.74
CA ASP B 88 -9.43 46.25 16.19
C ASP B 88 -10.23 45.81 17.39
N THR B 89 -10.47 44.50 17.51
CA THR B 89 -11.24 43.99 18.63
C THR B 89 -10.44 43.57 19.84
N PHE B 90 -9.24 43.02 19.64
CA PHE B 90 -8.44 42.57 20.78
C PHE B 90 -7.03 43.15 20.83
N GLY B 91 -6.65 43.94 19.85
CA GLY B 91 -5.32 44.54 19.87
C GLY B 91 -4.15 43.65 19.50
N ARG B 92 -4.44 42.44 19.02
CA ARG B 92 -3.36 41.52 18.62
C ARG B 92 -3.90 40.27 17.93
N ILE B 93 -2.98 39.41 17.50
CA ILE B 93 -3.32 38.15 16.85
C ILE B 93 -2.17 37.19 17.18
N ASP B 94 -2.50 36.06 17.78
CA ASP B 94 -1.48 35.07 18.16
C ASP B 94 -1.57 33.78 17.36
N VAL B 95 -2.79 33.35 17.09
CA VAL B 95 -3.02 32.11 16.38
C VAL B 95 -3.92 32.25 15.17
N VAL B 96 -3.47 31.68 14.04
CA VAL B 96 -4.27 31.69 12.83
C VAL B 96 -4.47 30.25 12.38
N VAL B 97 -5.71 29.79 12.39
CA VAL B 97 -6.00 28.45 11.94
C VAL B 97 -6.73 28.61 10.61
N ASN B 98 -6.02 28.30 9.53
CA ASN B 98 -6.58 28.38 8.18
C ASN B 98 -7.36 27.09 7.96
N ASN B 99 -8.68 27.21 7.99
CA ASN B 99 -9.58 26.08 7.85
C ASN B 99 -10.58 26.24 6.71
N ALA B 100 -10.88 27.47 6.31
CA ALA B 100 -11.86 27.68 5.22
C ALA B 100 -11.57 26.82 3.96
N GLY B 101 -12.62 26.29 3.37
CA GLY B 101 -12.45 25.47 2.19
C GLY B 101 -13.75 25.01 1.52
N ILE B 102 -13.65 24.70 0.23
CA ILE B 102 -14.79 24.22 -0.56
C ILE B 102 -14.36 23.07 -1.51
N LEU B 103 -15.35 22.39 -2.07
CA LEU B 103 -15.12 21.27 -2.98
C LEU B 103 -15.75 21.52 -4.35
N ARG B 104 -15.01 21.16 -5.40
CA ARG B 104 -15.46 21.28 -6.79
C ARG B 104 -14.89 20.08 -7.53
N ASP B 105 -15.30 18.90 -7.09
CA ASP B 105 -14.84 17.65 -7.65
C ASP B 105 -15.31 17.35 -9.06
N ARG B 106 -14.37 16.97 -9.93
CA ARG B 106 -14.70 16.61 -11.30
C ARG B 106 -13.56 15.74 -11.83
N SER B 107 -13.83 14.88 -12.81
CA SER B 107 -12.75 14.09 -13.38
C SER B 107 -11.92 15.17 -14.07
N PHE B 108 -10.61 15.02 -14.03
CA PHE B 108 -9.66 16.00 -14.56
C PHE B 108 -10.07 16.76 -15.81
N SER B 109 -10.44 16.03 -16.85
CA SER B 109 -10.83 16.62 -18.12
C SER B 109 -12.03 17.56 -18.01
N ARG B 110 -12.89 17.31 -17.02
CA ARG B 110 -14.09 18.12 -16.82
C ARG B 110 -13.93 19.26 -15.82
N ILE B 111 -12.69 19.55 -15.40
CA ILE B 111 -12.47 20.65 -14.47
C ILE B 111 -12.41 21.94 -15.27
N SER B 112 -13.40 22.79 -15.09
CA SER B 112 -13.46 24.06 -15.80
C SER B 112 -12.42 25.00 -15.19
N ASP B 113 -12.12 26.08 -15.88
CA ASP B 113 -11.17 27.04 -15.37
C ASP B 113 -11.64 27.57 -14.02
N GLU B 114 -12.94 27.80 -13.90
CA GLU B 114 -13.50 28.31 -12.65
C GLU B 114 -13.42 27.25 -11.56
N ASP B 115 -13.69 25.98 -11.91
CA ASP B 115 -13.64 24.91 -10.90
C ASP B 115 -12.22 24.88 -10.32
N TRP B 116 -11.25 25.23 -11.14
CA TRP B 116 -9.86 25.25 -10.70
C TRP B 116 -9.55 26.50 -9.88
N ASP B 117 -9.83 27.67 -10.47
CA ASP B 117 -9.57 28.93 -9.82
C ASP B 117 -10.21 29.13 -8.45
N ILE B 118 -11.48 28.75 -8.32
CA ILE B 118 -12.15 28.97 -7.07
C ILE B 118 -11.53 28.13 -5.96
N ILE B 119 -11.12 26.90 -6.29
CA ILE B 119 -10.49 26.04 -5.30
C ILE B 119 -9.15 26.63 -4.82
N GLN B 120 -8.35 27.15 -5.76
CA GLN B 120 -7.07 27.75 -5.40
C GLN B 120 -7.27 29.02 -4.57
N ARG B 121 -8.30 29.78 -4.93
CA ARG B 121 -8.60 31.05 -4.26
C ARG B 121 -8.97 30.91 -2.79
N VAL B 122 -9.89 30.01 -2.48
CA VAL B 122 -10.33 29.80 -1.11
C VAL B 122 -9.26 29.12 -0.26
N HIS B 123 -8.78 27.97 -0.73
CA HIS B 123 -7.78 27.19 -0.01
C HIS B 123 -6.38 27.79 0.08
N LEU B 124 -5.73 27.98 -1.06
CA LEU B 124 -4.36 28.49 -1.09
C LEU B 124 -4.22 30.00 -0.98
N ARG B 125 -4.74 30.74 -1.95
CA ARG B 125 -4.68 32.20 -1.93
C ARG B 125 -5.28 32.71 -0.62
N GLY B 126 -6.37 32.08 -0.19
CA GLY B 126 -7.01 32.49 1.04
C GLY B 126 -6.04 32.40 2.22
N SER B 127 -5.39 31.25 2.38
CA SER B 127 -4.45 31.06 3.48
C SER B 127 -3.25 32.00 3.36
N PHE B 128 -2.79 32.26 2.15
CA PHE B 128 -1.69 33.18 1.95
C PHE B 128 -2.09 34.62 2.37
N GLN B 129 -3.26 35.09 1.92
CA GLN B 129 -3.74 36.43 2.28
C GLN B 129 -3.86 36.61 3.80
N VAL B 130 -4.61 35.71 4.45
CA VAL B 130 -4.82 35.76 5.87
C VAL B 130 -3.52 35.68 6.66
N THR B 131 -2.68 34.72 6.32
CA THR B 131 -1.42 34.54 7.04
C THR B 131 -0.49 35.71 6.77
N ARG B 132 -0.53 36.23 5.56
CA ARG B 132 0.33 37.36 5.23
C ARG B 132 -0.10 38.59 6.04
N ALA B 133 -1.41 38.78 6.20
CA ALA B 133 -1.89 39.93 6.98
C ALA B 133 -1.42 39.90 8.45
N ALA B 134 -1.34 38.70 9.03
CA ALA B 134 -0.91 38.58 10.43
C ALA B 134 0.60 38.47 10.62
N TRP B 135 1.33 38.13 9.57
CA TRP B 135 2.78 37.92 9.68
C TRP B 135 3.64 38.93 10.44
N ASP B 136 3.65 40.19 10.01
CA ASP B 136 4.46 41.22 10.69
C ASP B 136 4.10 41.40 12.16
N HIS B 137 2.81 41.33 12.48
CA HIS B 137 2.39 41.47 13.86
C HIS B 137 3.00 40.35 14.69
N LYS B 139 5.79 38.73 13.95
CA LYS B 139 7.21 39.00 14.00
C LYS B 139 7.55 40.03 15.08
N LYS B 140 6.95 41.21 14.97
CA LYS B 140 7.20 42.27 15.92
C LYS B 140 7.03 41.81 17.37
N GLN B 141 6.02 41.01 17.64
CA GLN B 141 5.76 40.52 19.00
C GLN B 141 6.49 39.22 19.33
N ASN B 142 7.15 38.63 18.34
CA ASN B 142 7.88 37.38 18.54
C ASN B 142 7.02 36.23 19.05
N TYR B 143 5.84 36.07 18.48
CA TYR B 143 4.97 34.96 18.85
C TYR B 143 3.96 34.72 17.75
N GLY B 144 3.80 33.44 17.42
CA GLY B 144 2.87 33.08 16.39
C GLY B 144 2.75 31.59 16.26
N ARG B 145 1.52 31.15 16.05
CA ARG B 145 1.21 29.75 15.84
C ARG B 145 0.25 29.78 14.67
N ILE B 146 0.60 29.02 13.64
CA ILE B 146 -0.17 28.93 12.43
C ILE B 146 -0.44 27.47 12.09
N ILE B 147 -1.66 27.22 11.60
CA ILE B 147 -2.08 25.89 11.17
C ILE B 147 -2.57 25.96 9.73
N THR B 149 -4.37 23.62 6.74
CA THR B 149 -5.18 22.42 6.60
C THR B 149 -4.97 21.81 5.23
N ALA B 150 -4.24 20.71 5.19
CA ALA B 150 -3.99 20.01 3.96
C ALA B 150 -5.03 18.91 3.97
N SER B 151 -4.72 17.81 3.30
CA SER B 151 -5.66 16.72 3.26
C SER B 151 -4.97 15.52 2.65
N ALA B 152 -5.48 14.34 2.96
CA ALA B 152 -4.93 13.10 2.42
C ALA B 152 -4.98 13.15 0.89
N SER B 153 -6.01 13.77 0.34
CA SER B 153 -6.13 13.82 -1.12
C SER B 153 -4.96 14.57 -1.69
N GLY B 154 -4.42 15.52 -0.92
CA GLY B 154 -3.27 16.26 -1.40
C GLY B 154 -1.99 15.43 -1.30
N ILE B 155 -1.82 14.77 -0.17
CA ILE B 155 -0.65 13.95 0.07
C ILE B 155 -0.58 12.73 -0.86
N TYR B 156 -1.72 12.06 -1.03
CA TYR B 156 -1.78 10.83 -1.84
C TYR B 156 -2.42 10.96 -3.21
N GLY B 157 -3.27 11.97 -3.41
CA GLY B 157 -3.98 12.08 -4.65
C GLY B 157 -5.30 11.36 -4.45
N ASN B 158 -6.31 11.70 -5.25
CA ASN B 158 -7.64 11.09 -5.12
C ASN B 158 -8.48 11.43 -6.35
N PHE B 159 -8.99 10.41 -7.01
CA PHE B 159 -9.81 10.57 -8.22
C PHE B 159 -10.84 11.70 -8.15
N GLY B 160 -10.91 12.50 -9.21
CA GLY B 160 -11.87 13.60 -9.24
C GLY B 160 -11.52 14.83 -8.42
N GLN B 161 -10.31 14.90 -7.87
CA GLN B 161 -9.92 16.03 -7.04
C GLN B 161 -8.59 16.66 -7.41
N ALA B 162 -8.27 16.66 -8.69
CA ALA B 162 -7.03 17.25 -9.13
C ALA B 162 -6.87 18.68 -8.60
N ASN B 163 -7.95 19.46 -8.65
CA ASN B 163 -7.92 20.86 -8.18
C ASN B 163 -7.69 20.95 -6.68
N TYR B 164 -8.43 20.15 -5.93
CA TYR B 164 -8.33 20.13 -4.50
C TYR B 164 -6.95 19.59 -4.05
N SER B 165 -6.51 18.48 -4.64
CA SER B 165 -5.21 17.88 -4.26
C SER B 165 -4.06 18.87 -4.51
N ALA B 166 -4.09 19.59 -5.62
CA ALA B 166 -3.04 20.59 -5.87
C ALA B 166 -3.07 21.72 -4.83
N ALA B 167 -4.25 22.23 -4.50
CA ALA B 167 -4.35 23.33 -3.52
C ALA B 167 -3.91 22.89 -2.13
N LYS B 168 -4.28 21.68 -1.74
CA LYS B 168 -3.89 21.18 -0.43
C LYS B 168 -2.38 20.98 -0.27
N LEU B 169 -1.71 20.39 -1.27
CA LEU B 169 -0.26 20.19 -1.16
C LEU B 169 0.44 21.55 -1.32
N GLY B 170 -0.17 22.42 -2.13
CA GLY B 170 0.37 23.76 -2.28
C GLY B 170 0.48 24.39 -0.88
N LEU B 171 -0.53 24.19 -0.05
CA LEU B 171 -0.53 24.73 1.31
C LEU B 171 0.68 24.21 2.09
N LEU B 172 1.02 22.93 1.89
CA LEU B 172 2.18 22.36 2.57
C LEU B 172 3.43 23.12 2.13
N GLY B 173 3.51 23.41 0.83
CA GLY B 173 4.64 24.12 0.28
C GLY B 173 4.74 25.48 0.95
N LEU B 174 3.62 26.17 1.06
CA LEU B 174 3.61 27.47 1.72
C LEU B 174 4.19 27.33 3.14
N ALA B 175 3.65 26.40 3.93
CA ALA B 175 4.12 26.17 5.30
C ALA B 175 5.62 25.88 5.43
N ASN B 176 6.18 25.09 4.51
CA ASN B 176 7.61 24.74 4.55
C ASN B 176 8.49 26.01 4.59
N THR B 177 8.11 26.99 3.79
CA THR B 177 8.85 28.24 3.76
C THR B 177 8.56 29.05 5.02
N LEU B 178 7.29 29.23 5.38
CA LEU B 178 6.93 29.99 6.57
C LEU B 178 7.70 29.50 7.79
N VAL B 179 7.95 28.21 7.85
CA VAL B 179 8.69 27.64 8.96
C VAL B 179 10.08 28.24 8.98
N ILE B 180 10.67 28.39 7.80
CA ILE B 180 12.00 28.93 7.72
C ILE B 180 12.06 30.40 8.08
N GLU B 181 11.13 31.18 7.55
CA GLU B 181 11.12 32.62 7.81
C GLU B 181 10.63 33.01 9.19
N GLY B 182 9.84 32.14 9.83
CA GLY B 182 9.33 32.50 11.14
C GLY B 182 9.99 31.96 12.39
N ARG B 183 10.72 30.85 12.29
CA ARG B 183 11.34 30.24 13.47
C ARG B 183 12.12 31.18 14.38
N LYS B 184 12.84 32.14 13.82
CA LYS B 184 13.61 33.05 14.66
C LYS B 184 12.74 33.98 15.51
N ASN B 185 11.49 34.17 15.12
CA ASN B 185 10.60 35.05 15.88
C ASN B 185 9.54 34.26 16.64
N ASN B 186 9.83 32.99 16.91
CA ASN B 186 8.92 32.11 17.64
C ASN B 186 7.58 31.95 16.94
N ILE B 187 7.60 31.95 15.61
CA ILE B 187 6.38 31.75 14.82
C ILE B 187 6.46 30.32 14.29
N HIS B 188 5.53 29.47 14.72
CA HIS B 188 5.49 28.07 14.28
C HIS B 188 4.37 27.89 13.27
N CYS B 189 4.59 27.01 12.30
CA CYS B 189 3.58 26.70 11.31
C CYS B 189 3.60 25.19 11.18
N ASN B 190 2.43 24.59 11.28
CA ASN B 190 2.27 23.16 11.16
C ASN B 190 1.10 22.90 10.23
N THR B 191 1.08 21.71 9.64
CA THR B 191 0.03 21.35 8.71
C THR B 191 -0.64 20.04 9.08
N ILE B 192 -1.96 20.02 8.96
CA ILE B 192 -2.71 18.80 9.25
C ILE B 192 -3.47 18.31 8.04
N ALA B 193 -3.77 17.02 8.06
CA ALA B 193 -4.54 16.34 7.02
C ALA B 193 -5.57 15.64 7.89
N PRO B 194 -6.71 16.31 8.12
CA PRO B 194 -7.73 15.73 8.96
C PRO B 194 -8.72 14.84 8.26
N ASN B 195 -9.46 14.12 9.07
CA ASN B 195 -10.52 13.27 8.58
C ASN B 195 -11.59 13.28 9.65
N GLU B 211 -19.71 11.62 10.56
CA GLU B 211 -20.64 10.85 11.43
C GLU B 211 -19.90 10.29 12.64
N ALA B 212 -19.00 9.34 12.40
CA ALA B 212 -18.22 8.75 13.48
C ALA B 212 -16.86 9.41 13.54
N LEU B 213 -16.52 10.13 12.47
CA LEU B 213 -15.26 10.84 12.41
C LEU B 213 -15.45 12.25 12.96
N LYS B 214 -15.81 12.29 14.24
CA LYS B 214 -16.05 13.54 14.95
C LYS B 214 -14.97 14.61 14.89
N PRO B 215 -15.35 15.84 14.53
CA PRO B 215 -14.39 16.93 14.44
C PRO B 215 -13.68 17.17 15.75
N GLU B 216 -14.27 16.72 16.86
CA GLU B 216 -13.62 16.91 18.15
C GLU B 216 -12.45 15.96 18.32
N TYR B 217 -12.23 15.08 17.32
CA TYR B 217 -11.11 14.15 17.39
C TYR B 217 -9.86 14.77 16.78
N VAL B 218 -9.99 15.92 16.13
CA VAL B 218 -8.81 16.55 15.57
C VAL B 218 -8.49 17.84 16.33
N ALA B 219 -9.54 18.49 16.84
CA ALA B 219 -9.40 19.72 17.59
C ALA B 219 -8.30 19.66 18.63
N PRO B 220 -8.23 18.57 19.43
CA PRO B 220 -7.16 18.56 20.42
C PRO B 220 -5.74 18.67 19.85
N LEU B 221 -5.50 18.12 18.66
CA LEU B 221 -4.19 18.23 18.06
C LEU B 221 -3.95 19.71 17.67
N VAL B 222 -4.96 20.35 17.11
CA VAL B 222 -4.81 21.75 16.72
C VAL B 222 -4.52 22.65 17.94
N LEU B 223 -5.14 22.33 19.07
CA LEU B 223 -4.93 23.10 20.29
C LEU B 223 -3.49 22.91 20.80
N TRP B 224 -3.01 21.67 20.79
CA TRP B 224 -1.64 21.40 21.22
C TRP B 224 -0.65 22.13 20.31
N LEU B 225 -0.81 21.95 19.00
CA LEU B 225 0.09 22.57 18.01
C LEU B 225 0.05 24.10 18.02
N CYS B 226 -0.97 24.67 18.62
CA CYS B 226 -1.09 26.13 18.69
C CYS B 226 -0.81 26.68 20.08
N HIS B 227 -0.30 25.84 20.96
CA HIS B 227 -0.03 26.27 22.33
C HIS B 227 1.39 26.83 22.48
N GLU B 228 1.54 27.77 23.41
CA GLU B 228 2.84 28.40 23.61
C GLU B 228 3.90 27.43 24.11
N SER B 229 3.48 26.35 24.77
CA SER B 229 4.43 25.35 25.27
C SER B 229 4.84 24.36 24.17
N CYS B 230 4.13 24.37 23.03
CA CYS B 230 4.48 23.47 21.94
C CYS B 230 5.66 23.98 21.10
N GLU B 231 6.66 23.11 20.90
CA GLU B 231 7.85 23.46 20.12
C GLU B 231 7.85 22.92 18.69
N GLU B 232 6.82 22.17 18.32
CA GLU B 232 6.74 21.58 16.98
C GLU B 232 6.65 22.65 15.89
N ASN B 233 7.51 22.55 14.90
CA ASN B 233 7.46 23.53 13.82
C ASN B 233 7.74 22.84 12.49
N GLY B 234 6.82 23.01 11.54
CA GLY B 234 6.98 22.40 10.24
C GLY B 234 6.55 20.95 10.18
N GLY B 235 5.71 20.53 11.11
CA GLY B 235 5.25 19.14 11.08
C GLY B 235 4.06 18.91 10.14
N LEU B 236 3.93 17.68 9.65
CA LEU B 236 2.82 17.29 8.78
C LEU B 236 2.13 16.17 9.52
N PHE B 237 0.83 16.33 9.81
CA PHE B 237 0.10 15.30 10.57
C PHE B 237 -1.24 14.82 10.02
N GLU B 238 -1.42 13.50 9.96
CA GLU B 238 -2.73 12.95 9.55
C GLU B 238 -3.48 12.73 10.88
N VAL B 239 -4.73 13.16 10.94
CA VAL B 239 -5.52 13.05 12.16
C VAL B 239 -6.93 12.55 11.91
N GLY B 240 -7.44 11.73 12.82
CA GLY B 240 -8.78 11.22 12.64
C GLY B 240 -9.13 10.07 13.53
N ALA B 241 -10.39 10.03 13.95
CA ALA B 241 -10.91 8.96 14.80
C ALA B 241 -10.28 8.76 16.18
N GLY B 242 -9.29 9.59 16.54
CA GLY B 242 -8.64 9.45 17.83
C GLY B 242 -7.17 9.10 17.67
N TRP B 243 -6.73 8.98 16.42
CA TRP B 243 -5.35 8.65 16.12
C TRP B 243 -4.65 9.85 15.52
N ILE B 244 -3.33 9.87 15.65
CA ILE B 244 -2.49 10.93 15.10
C ILE B 244 -1.19 10.27 14.67
N GLY B 245 -0.72 10.65 13.49
CA GLY B 245 0.53 10.11 12.96
C GLY B 245 1.29 11.27 12.34
N LYS B 246 2.60 11.09 12.13
CA LYS B 246 3.39 12.14 11.55
C LYS B 246 4.09 11.67 10.26
N LEU B 247 4.18 12.54 9.26
CA LEU B 247 4.80 12.22 7.99
C LEU B 247 6.06 13.04 7.71
N ARG B 248 7.01 12.44 7.02
CA ARG B 248 8.24 13.12 6.61
C ARG B 248 8.75 12.43 5.34
N TRP B 249 9.62 13.12 4.63
CA TRP B 249 10.19 12.58 3.40
C TRP B 249 11.42 11.72 3.69
N GLU B 250 11.64 10.71 2.84
CA GLU B 250 12.87 9.95 2.93
C GLU B 250 13.33 9.93 1.49
N ARG B 251 14.64 9.86 1.30
CA ARG B 251 15.21 9.89 -0.03
C ARG B 251 16.28 8.79 -0.22
N THR B 252 16.25 8.12 -1.37
CA THR B 252 17.22 7.07 -1.61
C THR B 252 18.59 7.67 -1.81
N LEU B 253 19.62 6.89 -1.48
CA LEU B 253 20.98 7.34 -1.64
C LEU B 253 21.20 7.58 -3.14
N GLY B 254 20.35 6.96 -3.95
CA GLY B 254 20.41 7.17 -5.40
C GLY B 254 21.66 6.71 -6.10
N ALA B 255 21.90 7.22 -7.32
CA ALA B 255 23.09 6.83 -8.07
C ALA B 255 23.68 7.93 -8.94
N ILE B 256 25.00 7.90 -9.05
CA ILE B 256 25.70 8.83 -9.91
C ILE B 256 25.72 7.99 -11.17
N VAL B 257 25.11 8.47 -12.25
CA VAL B 257 25.07 7.68 -13.47
C VAL B 257 25.83 8.33 -14.59
N ARG B 258 26.71 9.27 -14.26
CA ARG B 258 27.52 9.99 -15.23
C ARG B 258 28.99 9.86 -14.85
N LYS B 259 29.86 9.83 -15.86
CA LYS B 259 31.32 9.77 -15.64
C LYS B 259 31.89 11.00 -16.33
N ARG B 260 32.95 11.59 -15.79
CA ARG B 260 33.50 12.80 -16.41
C ARG B 260 33.94 12.60 -17.87
N ASN B 261 33.72 13.62 -18.69
CA ASN B 261 34.11 13.57 -20.10
C ASN B 261 33.21 12.68 -20.97
N GLN B 262 32.29 11.94 -20.35
CA GLN B 262 31.38 11.06 -21.07
C GLN B 262 29.96 11.58 -20.95
N PRO B 263 29.31 11.91 -22.08
CA PRO B 263 27.94 12.41 -21.98
C PRO B 263 27.01 11.43 -21.26
N THR B 265 23.63 9.59 -20.59
CA THR B 265 22.62 9.08 -21.52
C THR B 265 21.37 8.57 -20.79
N PRO B 266 20.23 8.54 -21.49
CA PRO B 266 19.05 8.03 -20.80
C PRO B 266 19.19 6.54 -20.55
N GLU B 267 20.08 5.87 -21.31
CA GLU B 267 20.28 4.42 -21.12
C GLU B 267 20.98 4.15 -19.78
N ALA B 268 21.84 5.06 -19.36
CA ALA B 268 22.56 4.89 -18.09
C ALA B 268 21.55 5.02 -16.97
N VAL B 269 20.57 5.91 -17.14
CA VAL B 269 19.52 6.11 -16.16
C VAL B 269 18.69 4.83 -16.08
N ARG B 270 18.27 4.31 -17.22
CA ARG B 270 17.51 3.07 -17.25
C ARG B 270 18.34 1.91 -16.64
N ASP B 271 19.60 1.80 -17.02
CA ASP B 271 20.39 0.69 -16.50
C ASP B 271 20.71 0.78 -15.02
N ASN B 272 20.45 1.93 -14.41
CA ASN B 272 20.71 2.09 -12.98
C ASN B 272 19.44 2.32 -12.19
N TRP B 273 18.31 2.16 -12.86
CA TRP B 273 17.03 2.43 -12.28
C TRP B 273 16.74 1.73 -10.95
N VAL B 274 17.12 0.46 -10.86
CA VAL B 274 16.89 -0.27 -9.63
C VAL B 274 17.62 0.37 -8.47
N LYS B 275 18.89 0.68 -8.66
CA LYS B 275 19.68 1.32 -7.63
C LYS B 275 19.14 2.70 -7.27
N ILE B 276 18.70 3.46 -8.28
CA ILE B 276 18.18 4.80 -8.04
C ILE B 276 16.94 4.75 -7.18
N CYS B 277 16.12 3.73 -7.39
CA CYS B 277 14.87 3.57 -6.68
C CYS B 277 14.95 2.72 -5.39
N ASP B 278 16.13 2.21 -5.05
CA ASP B 278 16.31 1.41 -3.83
C ASP B 278 16.37 2.25 -2.54
N PHE B 279 15.35 2.13 -1.69
CA PHE B 279 15.29 2.88 -0.45
C PHE B 279 16.08 2.36 0.76
N SER B 280 16.90 1.31 0.58
CA SER B 280 17.68 0.77 1.70
C SER B 280 18.61 1.86 2.24
N ASN B 281 18.52 2.14 3.54
CA ASN B 281 19.34 3.18 4.20
C ASN B 281 19.08 4.55 3.59
N ALA B 282 17.82 4.82 3.28
CA ALA B 282 17.48 6.11 2.72
C ALA B 282 17.79 7.22 3.73
N SER B 283 18.19 8.37 3.23
CA SER B 283 18.49 9.50 4.09
C SER B 283 17.14 10.13 4.41
N LYS B 284 17.14 11.04 5.38
CA LYS B 284 15.93 11.75 5.78
C LYS B 284 16.32 13.21 5.55
N PRO B 285 16.21 13.69 4.31
CA PRO B 285 16.58 15.08 4.04
C PRO B 285 15.70 16.09 4.77
N LYS B 286 16.32 17.16 5.27
CA LYS B 286 15.59 18.16 6.02
C LYS B 286 15.62 19.62 5.57
N SER B 287 16.56 19.98 4.71
CA SER B 287 16.64 21.36 4.23
C SER B 287 17.16 21.46 2.79
N ILE B 288 16.90 22.59 2.14
CA ILE B 288 17.37 22.75 0.77
C ILE B 288 18.90 22.82 0.72
N GLN B 289 19.52 23.31 1.80
CA GLN B 289 20.99 23.41 1.87
C GLN B 289 21.64 22.05 1.75
N GLU B 290 21.12 21.11 2.51
CA GLU B 290 21.62 19.73 2.53
C GLU B 290 21.52 19.09 1.15
N SER B 291 20.37 19.28 0.51
CA SER B 291 20.12 18.77 -0.84
C SER B 291 21.14 19.40 -1.78
N THR B 292 21.21 20.72 -1.77
CA THR B 292 22.15 21.45 -2.65
C THR B 292 23.59 21.02 -2.34
N GLY B 293 23.89 20.85 -1.06
CA GLY B 293 25.22 20.44 -0.68
C GLY B 293 25.58 19.09 -1.29
N GLY B 294 24.60 18.17 -1.33
CA GLY B 294 24.83 16.85 -1.90
C GLY B 294 25.11 16.90 -3.39
N ILE B 295 24.38 17.75 -4.09
CA ILE B 295 24.56 17.89 -5.53
C ILE B 295 25.95 18.41 -5.85
N ILE B 296 26.43 19.37 -5.07
CA ILE B 296 27.77 19.96 -5.27
C ILE B 296 28.87 18.96 -4.99
N GLU B 297 28.65 18.11 -3.99
CA GLU B 297 29.61 17.07 -3.65
C GLU B 297 29.66 16.04 -4.78
N VAL B 298 28.50 15.69 -5.33
CA VAL B 298 28.44 14.74 -6.46
C VAL B 298 29.28 15.27 -7.62
N LEU B 299 29.12 16.55 -7.92
CA LEU B 299 29.89 17.18 -8.99
C LEU B 299 31.39 17.03 -8.72
N HIS B 300 31.77 17.19 -7.45
CA HIS B 300 33.17 17.06 -7.06
C HIS B 300 33.68 15.63 -7.19
N LYS B 301 32.86 14.65 -6.84
CA LYS B 301 33.29 13.26 -6.95
C LYS B 301 33.54 12.90 -8.39
N ILE B 302 32.63 13.30 -9.27
CA ILE B 302 32.79 12.99 -10.68
C ILE B 302 34.05 13.62 -11.27
N ASP B 303 34.30 14.88 -10.90
CA ASP B 303 35.50 15.60 -11.36
C ASP B 303 36.81 15.05 -10.77
N SER B 304 36.81 14.36 -9.72
N PRO C 4 -29.86 -15.94 -20.24
CA PRO C 4 -30.00 -15.74 -18.78
C PRO C 4 -29.53 -16.97 -17.99
N LEU C 5 -28.71 -16.71 -16.96
CA LEU C 5 -28.16 -17.76 -16.12
C LEU C 5 -29.19 -18.44 -15.23
N ARG C 6 -29.47 -19.71 -15.52
CA ARG C 6 -30.43 -20.53 -14.79
C ARG C 6 -29.70 -21.73 -14.17
N PHE C 7 -30.32 -22.32 -13.15
CA PHE C 7 -29.75 -23.48 -12.47
C PHE C 7 -30.78 -24.60 -12.34
N ASP C 8 -31.77 -24.58 -13.21
CA ASP C 8 -32.83 -25.59 -13.22
C ASP C 8 -32.25 -27.00 -13.24
N GLY C 9 -32.64 -27.82 -12.27
CA GLY C 9 -32.15 -29.18 -12.22
C GLY C 9 -30.82 -29.37 -11.48
N ARG C 10 -30.21 -28.28 -11.02
CA ARG C 10 -28.94 -28.42 -10.31
C ARG C 10 -29.14 -28.30 -8.81
N VAL C 11 -28.52 -29.21 -8.08
CA VAL C 11 -28.63 -29.21 -6.63
C VAL C 11 -27.48 -28.40 -6.05
N VAL C 12 -27.85 -27.35 -5.32
CA VAL C 12 -26.88 -26.46 -4.73
C VAL C 12 -26.87 -26.53 -3.21
N LEU C 13 -25.76 -26.99 -2.65
CA LEU C 13 -25.61 -27.06 -1.20
C LEU C 13 -24.84 -25.80 -0.78
N VAL C 14 -25.38 -25.06 0.18
CA VAL C 14 -24.74 -23.86 0.67
C VAL C 14 -24.56 -24.07 2.16
N THR C 15 -23.32 -23.96 2.65
CA THR C 15 -23.10 -24.14 4.09
C THR C 15 -23.25 -22.79 4.79
N GLY C 16 -23.84 -22.82 5.98
CA GLY C 16 -24.05 -21.60 6.73
C GLY C 16 -24.99 -20.64 6.04
N ALA C 17 -26.04 -21.17 5.42
CA ALA C 17 -27.00 -20.35 4.69
C ALA C 17 -28.05 -19.65 5.55
N GLY C 18 -28.03 -19.90 6.86
CA GLY C 18 -29.00 -19.28 7.75
C GLY C 18 -29.15 -17.77 7.73
N GLY C 19 -28.11 -17.06 7.32
CA GLY C 19 -28.19 -15.62 7.27
C GLY C 19 -26.97 -15.02 6.59
N GLY C 20 -26.98 -13.70 6.44
CA GLY C 20 -25.86 -13.03 5.81
C GLY C 20 -25.59 -13.47 4.38
N LEU C 21 -24.32 -13.71 4.10
CA LEU C 21 -23.87 -14.10 2.77
C LEU C 21 -24.52 -15.40 2.27
N GLY C 22 -24.50 -16.43 3.11
CA GLY C 22 -25.07 -17.72 2.73
C GLY C 22 -26.54 -17.67 2.30
N ARG C 23 -27.35 -17.02 3.12
CA ARG C 23 -28.75 -16.87 2.85
C ARG C 23 -28.95 -16.18 1.50
N ALA C 24 -28.18 -15.13 1.25
CA ALA C 24 -28.29 -14.40 0.00
C ALA C 24 -28.02 -15.30 -1.22
N TYR C 25 -27.05 -16.22 -1.09
CA TYR C 25 -26.75 -17.14 -2.21
C TYR C 25 -27.91 -18.11 -2.38
N ALA C 26 -28.36 -18.69 -1.27
CA ALA C 26 -29.46 -19.64 -1.28
C ALA C 26 -30.67 -19.01 -1.98
N LEU C 27 -31.04 -17.83 -1.53
CA LEU C 27 -32.16 -17.11 -2.12
C LEU C 27 -31.89 -16.83 -3.59
N ALA C 28 -30.69 -16.38 -3.94
CA ALA C 28 -30.39 -16.08 -5.36
C ALA C 28 -30.43 -17.33 -6.23
N PHE C 29 -29.85 -18.42 -5.74
CA PHE C 29 -29.80 -19.67 -6.48
C PHE C 29 -31.21 -20.22 -6.76
N ALA C 30 -31.98 -20.41 -5.69
CA ALA C 30 -33.33 -20.94 -5.80
C ALA C 30 -34.19 -20.17 -6.79
N GLU C 31 -34.11 -18.84 -6.73
CA GLU C 31 -34.91 -18.01 -7.62
C GLU C 31 -34.62 -18.31 -9.09
N ARG C 32 -33.45 -18.88 -9.36
CA ARG C 32 -33.10 -19.19 -10.72
C ARG C 32 -33.18 -20.69 -11.06
N GLY C 33 -33.89 -21.43 -10.21
CA GLY C 33 -34.11 -22.85 -10.48
C GLY C 33 -33.36 -23.92 -9.72
N ALA C 34 -32.42 -23.56 -8.87
CA ALA C 34 -31.68 -24.58 -8.16
C ALA C 34 -32.50 -25.30 -7.08
N LEU C 35 -32.11 -26.54 -6.81
CA LEU C 35 -32.74 -27.33 -5.76
C LEU C 35 -31.71 -27.10 -4.66
N VAL C 36 -32.06 -26.25 -3.70
CA VAL C 36 -31.15 -25.87 -2.64
C VAL C 36 -31.22 -26.55 -1.30
N VAL C 37 -30.07 -27.01 -0.81
CA VAL C 37 -30.03 -27.60 0.50
C VAL C 37 -29.46 -26.46 1.33
N VAL C 38 -30.32 -25.86 2.15
CA VAL C 38 -29.96 -24.73 2.99
C VAL C 38 -29.49 -25.23 4.35
N ASN C 39 -28.19 -25.50 4.49
CA ASN C 39 -27.68 -25.95 5.77
C ASN C 39 -27.30 -24.80 6.70
N ASP C 40 -27.38 -25.04 8.00
CA ASP C 40 -27.02 -24.03 8.98
C ASP C 40 -27.18 -24.57 10.38
N LEU C 41 -26.08 -24.61 11.12
CA LEU C 41 -26.09 -25.12 12.49
C LEU C 41 -26.94 -24.24 13.43
N GLY C 42 -27.26 -23.02 13.00
CA GLY C 42 -28.07 -22.12 13.79
C GLY C 42 -27.49 -21.64 15.12
N GLY C 43 -26.17 -21.49 15.19
CA GLY C 43 -25.54 -21.01 16.41
C GLY C 43 -25.12 -19.55 16.31
N ASP C 44 -24.34 -19.07 17.27
CA ASP C 44 -23.89 -17.67 17.27
C ASP C 44 -22.62 -17.49 16.44
N PHE C 45 -22.31 -16.24 16.08
CA PHE C 45 -21.14 -15.93 15.26
C PHE C 45 -19.80 -16.15 15.99
N LYS C 46 -19.88 -16.44 17.28
CA LYS C 46 -18.70 -16.68 18.11
C LYS C 46 -18.43 -18.19 18.15
N GLY C 47 -19.33 -18.97 17.55
CA GLY C 47 -19.17 -20.40 17.53
C GLY C 47 -19.85 -21.07 18.71
N VAL C 48 -20.78 -20.35 19.34
CA VAL C 48 -21.52 -20.85 20.48
C VAL C 48 -22.99 -20.98 20.12
N GLY C 49 -23.61 -22.10 20.51
CA GLY C 49 -25.01 -22.31 20.21
C GLY C 49 -25.23 -23.41 19.18
N LYS C 50 -26.48 -23.86 19.09
CA LYS C 50 -26.84 -24.91 18.14
C LYS C 50 -28.33 -24.76 17.77
N SER C 52 -31.86 -24.48 14.88
CA SER C 52 -32.66 -25.19 13.84
C SER C 52 -33.61 -24.28 13.06
N SER C 53 -34.03 -23.17 13.67
CA SER C 53 -34.92 -22.23 12.97
C SER C 53 -34.12 -21.41 11.98
N ALA C 54 -32.80 -21.35 12.16
CA ALA C 54 -31.94 -20.59 11.27
C ALA C 54 -32.17 -21.04 9.84
N ALA C 55 -31.95 -22.32 9.58
CA ALA C 55 -32.16 -22.87 8.24
C ALA C 55 -33.63 -22.84 7.83
N ASP C 56 -34.49 -23.42 8.67
CA ASP C 56 -35.92 -23.47 8.38
C ASP C 56 -36.46 -22.16 7.86
N LYS C 57 -36.06 -21.05 8.46
CA LYS C 57 -36.57 -19.76 8.01
C LYS C 57 -36.21 -19.42 6.57
N VAL C 58 -34.98 -19.75 6.15
CA VAL C 58 -34.59 -19.44 4.78
C VAL C 58 -35.32 -20.36 3.80
N VAL C 59 -35.42 -21.63 4.16
CA VAL C 59 -36.13 -22.59 3.33
C VAL C 59 -37.53 -22.02 3.07
N GLU C 60 -38.22 -21.66 4.14
CA GLU C 60 -39.56 -21.09 4.05
C GLU C 60 -39.59 -19.94 3.06
N GLU C 61 -38.64 -19.02 3.21
CA GLU C 61 -38.54 -17.86 2.31
C GLU C 61 -38.47 -18.32 0.86
N ILE C 62 -37.69 -19.37 0.63
CA ILE C 62 -37.49 -19.92 -0.71
C ILE C 62 -38.78 -20.52 -1.25
N ARG C 63 -39.37 -21.43 -0.49
CA ARG C 63 -40.62 -22.08 -0.88
C ARG C 63 -41.67 -21.02 -1.17
N ARG C 64 -41.79 -20.06 -0.25
CA ARG C 64 -42.73 -18.96 -0.39
C ARG C 64 -42.46 -18.19 -1.68
N ARG C 65 -41.18 -18.06 -2.03
CA ARG C 65 -40.78 -17.32 -3.23
C ARG C 65 -41.06 -18.09 -4.51
N GLY C 66 -41.47 -19.35 -4.37
CA GLY C 66 -41.76 -20.16 -5.54
C GLY C 66 -40.57 -21.00 -5.99
N GLY C 67 -39.69 -21.33 -5.06
CA GLY C 67 -38.52 -22.13 -5.38
C GLY C 67 -38.53 -23.40 -4.54
N LYS C 68 -37.58 -24.30 -4.81
CA LYS C 68 -37.49 -25.57 -4.08
C LYS C 68 -36.26 -25.63 -3.18
N ALA C 69 -36.42 -26.17 -1.96
CA ALA C 69 -35.32 -26.29 -1.02
C ALA C 69 -35.65 -27.19 0.18
N VAL C 70 -34.62 -27.59 0.90
CA VAL C 70 -34.76 -28.42 2.08
C VAL C 70 -33.66 -27.99 3.06
N ALA C 71 -33.83 -28.29 4.34
CA ALA C 71 -32.86 -27.87 5.34
C ALA C 71 -31.96 -28.97 5.85
N ASN C 72 -30.83 -28.58 6.40
CA ASN C 72 -29.89 -29.48 7.03
C ASN C 72 -29.39 -28.71 8.25
N TYR C 73 -29.39 -29.37 9.41
CA TYR C 73 -29.04 -28.73 10.66
C TYR C 73 -27.69 -29.17 11.23
N ASP C 74 -26.93 -29.93 10.46
CA ASP C 74 -25.65 -30.40 10.97
C ASP C 74 -24.49 -29.43 10.85
N SER C 75 -23.43 -29.73 11.58
CA SER C 75 -22.23 -28.94 11.57
C SER C 75 -21.41 -29.33 10.36
N VAL C 76 -20.78 -28.35 9.72
CA VAL C 76 -19.95 -28.68 8.55
C VAL C 76 -18.90 -29.70 8.99
N GLU C 77 -18.70 -29.86 10.30
CA GLU C 77 -17.75 -30.86 10.79
C GLU C 77 -18.29 -32.24 10.40
N ALA C 78 -19.61 -32.34 10.35
CA ALA C 78 -20.30 -33.56 9.97
C ALA C 78 -20.61 -33.53 8.46
N GLY C 79 -19.68 -32.97 7.69
CA GLY C 79 -19.84 -32.85 6.25
C GLY C 79 -20.57 -33.93 5.50
N GLU C 80 -20.19 -35.19 5.71
CA GLU C 80 -20.84 -36.31 5.02
C GLU C 80 -22.37 -36.19 5.09
N LYS C 81 -22.90 -35.71 6.22
CA LYS C 81 -24.33 -35.57 6.43
C LYS C 81 -24.97 -34.47 5.59
N LEU C 82 -24.24 -33.39 5.30
CA LEU C 82 -24.83 -32.32 4.50
C LEU C 82 -25.04 -32.76 3.04
N VAL C 83 -24.12 -33.58 2.54
CA VAL C 83 -24.26 -34.06 1.18
C VAL C 83 -25.35 -35.15 1.12
N LYS C 84 -25.47 -35.94 2.18
CA LYS C 84 -26.46 -37.01 2.25
C LYS C 84 -27.83 -36.36 2.07
N THR C 85 -28.04 -35.22 2.71
CA THR C 85 -29.29 -34.49 2.60
C THR C 85 -29.57 -34.07 1.16
N ALA C 86 -28.52 -33.77 0.40
CA ALA C 86 -28.71 -33.38 -0.98
C ALA C 86 -29.03 -34.62 -1.80
N LEU C 87 -28.33 -35.71 -1.52
CA LEU C 87 -28.52 -36.96 -2.26
C LEU C 87 -29.86 -37.64 -1.95
N ASP C 88 -30.15 -37.81 -0.66
CA ASP C 88 -31.39 -38.46 -0.25
C ASP C 88 -32.58 -37.62 -0.65
N THR C 89 -32.40 -36.30 -0.76
CA THR C 89 -33.53 -35.45 -1.13
C THR C 89 -33.65 -35.15 -2.61
N PHE C 90 -32.52 -35.04 -3.33
CA PHE C 90 -32.59 -34.72 -4.75
C PHE C 90 -31.85 -35.70 -5.65
N GLY C 91 -31.21 -36.71 -5.07
CA GLY C 91 -30.49 -37.67 -5.88
C GLY C 91 -29.16 -37.24 -6.49
N ARG C 92 -28.67 -36.06 -6.12
CA ARG C 92 -27.39 -35.58 -6.63
C ARG C 92 -26.92 -34.32 -5.92
N ILE C 93 -25.74 -33.86 -6.33
CA ILE C 93 -25.12 -32.65 -5.78
C ILE C 93 -24.23 -32.06 -6.90
N ASP C 94 -24.51 -30.82 -7.28
CA ASP C 94 -23.77 -30.15 -8.36
C ASP C 94 -22.90 -28.99 -7.87
N VAL C 95 -23.42 -28.25 -6.91
CA VAL C 95 -22.71 -27.10 -6.38
C VAL C 95 -22.59 -27.09 -4.87
N VAL C 96 -21.37 -26.83 -4.40
CA VAL C 96 -21.13 -26.72 -2.97
C VAL C 96 -20.51 -25.38 -2.68
N VAL C 97 -21.21 -24.57 -1.91
CA VAL C 97 -20.68 -23.28 -1.55
C VAL C 97 -20.34 -23.37 -0.08
N ASN C 98 -19.04 -23.38 0.19
CA ASN C 98 -18.55 -23.44 1.57
C ASN C 98 -18.54 -22.02 2.10
N ASN C 99 -19.50 -21.73 2.97
CA ASN C 99 -19.68 -20.41 3.53
C ASN C 99 -19.68 -20.38 5.07
N ALA C 100 -19.97 -21.51 5.71
CA ALA C 100 -19.99 -21.54 7.17
C ALA C 100 -18.69 -20.97 7.79
N GLY C 101 -18.84 -20.20 8.87
CA GLY C 101 -17.69 -19.63 9.53
C GLY C 101 -17.99 -18.88 10.83
N ILE C 102 -16.99 -18.76 11.69
CA ILE C 102 -17.09 -18.06 12.97
C ILE C 102 -15.82 -17.24 13.25
N LEU C 103 -15.90 -16.36 14.24
CA LEU C 103 -14.78 -15.50 14.61
C LEU C 103 -14.39 -15.73 16.08
N ARG C 104 -13.09 -15.70 16.34
CA ARG C 104 -12.51 -15.87 17.67
C ARG C 104 -11.25 -15.01 17.69
N ASP C 105 -11.45 -13.72 17.50
CA ASP C 105 -10.37 -12.75 17.43
C ASP C 105 -9.68 -12.49 18.76
N ARG C 106 -8.36 -12.54 18.75
CA ARG C 106 -7.55 -12.28 19.94
C ARG C 106 -6.15 -11.90 19.47
N SER C 107 -5.42 -11.11 20.26
CA SER C 107 -4.06 -10.76 19.87
C SER C 107 -3.36 -12.11 19.97
N PHE C 108 -2.46 -12.39 19.05
CA PHE C 108 -1.75 -13.67 18.95
C PHE C 108 -1.45 -14.41 20.24
N SER C 109 -0.77 -13.74 21.14
CA SER C 109 -0.38 -14.31 22.42
C SER C 109 -1.57 -14.82 23.24
N ARG C 110 -2.73 -14.20 23.05
CA ARG C 110 -3.93 -14.57 23.79
C ARG C 110 -4.85 -15.57 23.08
N ILE C 111 -4.39 -16.15 21.98
CA ILE C 111 -5.19 -17.14 21.28
C ILE C 111 -5.02 -18.47 22.01
N SER C 112 -6.09 -18.93 22.63
CA SER C 112 -6.06 -20.19 23.36
C SER C 112 -6.03 -21.33 22.34
N ASP C 113 -5.71 -22.54 22.80
CA ASP C 113 -5.68 -23.69 21.91
C ASP C 113 -7.06 -23.89 21.28
N GLU C 114 -8.11 -23.67 22.06
CA GLU C 114 -9.47 -23.82 21.55
C GLU C 114 -9.80 -22.71 20.57
N ASP C 115 -9.38 -21.48 20.86
CA ASP C 115 -9.65 -20.37 19.95
C ASP C 115 -9.07 -20.70 18.60
N TRP C 116 -7.96 -21.45 18.60
CA TRP C 116 -7.32 -21.84 17.37
C TRP C 116 -8.03 -23.02 16.70
N ASP C 117 -8.25 -24.08 17.48
CA ASP C 117 -8.89 -25.28 16.95
C ASP C 117 -10.28 -25.10 16.39
N ILE C 118 -11.11 -24.34 17.08
CA ILE C 118 -12.47 -24.17 16.61
C ILE C 118 -12.52 -23.44 15.27
N ILE C 119 -11.62 -22.47 15.10
CA ILE C 119 -11.59 -21.73 13.86
C ILE C 119 -11.17 -22.64 12.69
N GLN C 120 -10.19 -23.50 12.95
CA GLN C 120 -9.71 -24.42 11.92
C GLN C 120 -10.76 -25.45 11.56
N ARG C 121 -11.47 -25.90 12.60
CA ARG C 121 -12.52 -26.90 12.47
C ARG C 121 -13.71 -26.48 11.60
N VAL C 122 -14.27 -25.30 11.86
CA VAL C 122 -15.41 -24.81 11.11
C VAL C 122 -15.05 -24.39 9.68
N HIS C 123 -14.06 -23.51 9.57
CA HIS C 123 -13.60 -22.98 8.29
C HIS C 123 -12.90 -23.96 7.36
N LEU C 124 -11.76 -24.49 7.79
CA LEU C 124 -10.96 -25.38 6.95
C LEU C 124 -11.40 -26.85 6.98
N ARG C 125 -11.35 -27.49 8.15
CA ARG C 125 -11.76 -28.88 8.25
C ARG C 125 -13.20 -29.04 7.77
N GLY C 126 -14.04 -28.05 8.07
CA GLY C 126 -15.42 -28.11 7.63
C GLY C 126 -15.51 -28.15 6.11
N SER C 127 -14.83 -27.24 5.44
CA SER C 127 -14.85 -27.23 3.98
C SER C 127 -14.26 -28.50 3.40
N PHE C 128 -13.19 -29.03 4.01
CA PHE C 128 -12.61 -30.28 3.54
C PHE C 128 -13.62 -31.46 3.69
N GLN C 129 -14.25 -31.60 4.85
CA GLN C 129 -15.23 -32.68 5.08
C GLN C 129 -16.35 -32.62 4.03
N VAL C 130 -17.02 -31.48 3.95
CA VAL C 130 -18.12 -31.26 3.03
C VAL C 130 -17.74 -31.48 1.57
N THR C 131 -16.64 -30.88 1.16
CA THR C 131 -16.20 -31.02 -0.22
C THR C 131 -15.77 -32.44 -0.49
N ARG C 132 -15.16 -33.08 0.50
CA ARG C 132 -14.72 -34.47 0.31
C ARG C 132 -15.93 -35.37 0.15
N ALA C 133 -16.99 -35.12 0.91
CA ALA C 133 -18.20 -35.95 0.79
C ALA C 133 -18.82 -35.88 -0.62
N ALA C 134 -18.81 -34.71 -1.25
CA ALA C 134 -19.38 -34.56 -2.59
C ALA C 134 -18.44 -34.90 -3.74
N TRP C 135 -17.14 -34.97 -3.48
CA TRP C 135 -16.17 -35.20 -4.56
C TRP C 135 -16.40 -36.34 -5.56
N ASP C 136 -16.49 -37.58 -5.09
CA ASP C 136 -16.70 -38.70 -6.01
C ASP C 136 -17.98 -38.57 -6.84
N HIS C 137 -19.05 -38.11 -6.22
CA HIS C 137 -20.30 -37.91 -6.95
C HIS C 137 -20.07 -36.94 -8.11
N LYS C 139 -17.18 -36.39 -9.61
CA LYS C 139 -16.31 -37.08 -10.57
C LYS C 139 -17.13 -38.01 -11.45
N LYS C 140 -17.83 -38.96 -10.83
CA LYS C 140 -18.64 -39.92 -11.57
C LYS C 140 -19.56 -39.24 -12.60
N GLN C 141 -20.18 -38.14 -12.21
CA GLN C 141 -21.10 -37.42 -13.10
C GLN C 141 -20.41 -36.40 -13.98
N ASN C 142 -19.12 -36.19 -13.76
CA ASN C 142 -18.37 -35.21 -14.53
C ASN C 142 -18.93 -33.80 -14.48
N TYR C 143 -19.33 -33.35 -13.29
CA TYR C 143 -19.84 -32.00 -13.13
C TYR C 143 -19.71 -31.57 -11.69
N GLY C 144 -19.20 -30.35 -11.50
CA GLY C 144 -19.04 -29.85 -10.16
C GLY C 144 -18.54 -28.42 -10.16
N ARG C 145 -19.11 -27.65 -9.25
CA ARG C 145 -18.74 -26.26 -9.08
C ARG C 145 -18.63 -26.14 -7.56
N ILE C 146 -17.48 -25.65 -7.13
CA ILE C 146 -17.16 -25.48 -5.73
C ILE C 146 -16.66 -24.06 -5.47
N ILE C 147 -17.08 -23.50 -4.33
CA ILE C 147 -16.69 -22.19 -3.90
C ILE C 147 -16.07 -22.25 -2.50
N THR C 149 -14.63 -19.81 0.58
CA THR C 149 -14.72 -18.45 1.07
C THR C 149 -13.47 -18.14 1.88
N ALA C 150 -12.60 -17.35 1.29
CA ALA C 150 -11.37 -16.95 1.95
C ALA C 150 -11.76 -15.58 2.49
N SER C 151 -10.78 -14.72 2.69
CA SER C 151 -11.07 -13.38 3.19
C SER C 151 -9.83 -12.56 3.02
N ALA C 152 -10.00 -11.23 3.04
CA ALA C 152 -8.89 -10.30 2.91
C ALA C 152 -7.93 -10.51 4.07
N SER C 153 -8.46 -10.86 5.25
CA SER C 153 -7.59 -11.05 6.40
C SER C 153 -6.64 -12.19 6.15
N GLY C 154 -7.06 -13.15 5.33
CA GLY C 154 -6.17 -14.27 5.03
C GLY C 154 -5.13 -13.85 4.00
N ILE C 155 -5.58 -13.17 2.96
CA ILE C 155 -4.68 -12.73 1.91
C ILE C 155 -3.63 -11.73 2.41
N TYR C 156 -4.07 -10.75 3.20
CA TYR C 156 -3.19 -9.68 3.69
C TYR C 156 -2.78 -9.75 5.15
N GLY C 157 -3.52 -10.49 5.97
CA GLY C 157 -3.21 -10.52 7.38
C GLY C 157 -4.03 -9.40 8.01
N ASN C 158 -4.29 -9.50 9.31
CA ASN C 158 -5.07 -8.48 10.00
C ASN C 158 -4.95 -8.70 11.51
N PHE C 159 -4.57 -7.64 12.22
CA PHE C 159 -4.38 -7.69 13.68
C PHE C 159 -5.47 -8.44 14.45
N GLY C 160 -5.05 -9.30 15.37
CA GLY C 160 -6.01 -10.06 16.16
C GLY C 160 -6.72 -11.21 15.47
N GLN C 161 -6.28 -11.58 14.26
CA GLN C 161 -6.92 -12.68 13.53
C GLN C 161 -5.98 -13.74 13.02
N ALA C 162 -4.90 -13.99 13.75
CA ALA C 162 -3.94 -14.99 13.33
C ALA C 162 -4.62 -16.32 13.01
N ASN C 163 -5.58 -16.73 13.86
CA ASN C 163 -6.28 -18.00 13.64
C ASN C 163 -7.16 -17.99 12.40
N TYR C 164 -7.92 -16.93 12.24
CA TYR C 164 -8.81 -16.75 11.11
C TYR C 164 -7.99 -16.59 9.82
N SER C 165 -6.95 -15.76 9.83
CA SER C 165 -6.13 -15.56 8.62
C SER C 165 -5.48 -16.88 8.15
N ALA C 166 -5.01 -17.70 9.09
CA ALA C 166 -4.43 -18.98 8.70
C ALA C 166 -5.47 -19.91 8.10
N ALA C 167 -6.66 -19.95 8.68
CA ALA C 167 -7.70 -20.83 8.18
C ALA C 167 -8.18 -20.41 6.79
N LYS C 168 -8.34 -19.10 6.59
CA LYS C 168 -8.79 -18.60 5.31
C LYS C 168 -7.79 -18.86 4.18
N LEU C 169 -6.50 -18.61 4.40
CA LEU C 169 -5.53 -18.87 3.33
C LEU C 169 -5.38 -20.35 3.15
N GLY C 170 -5.54 -21.10 4.23
CA GLY C 170 -5.47 -22.56 4.12
C GLY C 170 -6.50 -23.04 3.10
N LEU C 171 -7.68 -22.45 3.15
CA LEU C 171 -8.76 -22.77 2.21
C LEU C 171 -8.30 -22.56 0.76
N LEU C 172 -7.53 -21.49 0.53
CA LEU C 172 -7.03 -21.25 -0.83
C LEU C 172 -6.10 -22.41 -1.22
N GLY C 173 -5.29 -22.86 -0.27
CA GLY C 173 -4.36 -23.94 -0.53
C GLY C 173 -5.13 -25.17 -0.91
N LEU C 174 -6.21 -25.45 -0.18
CA LEU C 174 -7.06 -26.60 -0.51
C LEU C 174 -7.54 -26.46 -1.97
N ALA C 175 -8.17 -25.34 -2.30
CA ALA C 175 -8.68 -25.10 -3.65
C ALA C 175 -7.64 -25.28 -4.78
N ASN C 176 -6.42 -24.80 -4.56
CA ASN C 176 -5.34 -24.92 -5.57
C ASN C 176 -5.17 -26.37 -6.03
N THR C 177 -5.22 -27.30 -5.08
CA THR C 177 -5.07 -28.71 -5.40
C THR C 177 -6.37 -29.24 -6.02
N LEU C 178 -7.51 -28.96 -5.40
CA LEU C 178 -8.79 -29.40 -5.95
C LEU C 178 -8.94 -29.04 -7.42
N VAL C 179 -8.38 -27.90 -7.81
CA VAL C 179 -8.44 -27.45 -9.19
C VAL C 179 -7.69 -28.45 -10.06
N ILE C 180 -6.55 -28.91 -9.57
CA ILE C 180 -5.75 -29.84 -10.33
C ILE C 180 -6.41 -31.20 -10.45
N GLU C 181 -6.92 -31.73 -9.34
CA GLU C 181 -7.54 -33.05 -9.36
C GLU C 181 -8.92 -33.09 -10.02
N GLY C 182 -9.62 -31.96 -10.06
CA GLY C 182 -10.95 -31.96 -10.62
C GLY C 182 -11.16 -31.50 -12.04
N ARG C 183 -10.27 -30.68 -12.58
CA ARG C 183 -10.44 -30.15 -13.94
C ARG C 183 -10.79 -31.17 -15.03
N LYS C 184 -10.24 -32.38 -14.97
CA LYS C 184 -10.54 -33.36 -16.00
C LYS C 184 -11.99 -33.86 -15.94
N ASN C 185 -12.63 -33.72 -14.79
CA ASN C 185 -14.02 -34.17 -14.65
C ASN C 185 -15.01 -33.02 -14.61
N ASN C 186 -14.61 -31.87 -15.15
CA ASN C 186 -15.45 -30.69 -15.20
C ASN C 186 -15.85 -30.20 -13.81
N ILE C 187 -14.95 -30.38 -12.85
CA ILE C 187 -15.19 -29.90 -11.49
C ILE C 187 -14.35 -28.64 -11.30
N HIS C 188 -15.00 -27.49 -11.12
CA HIS C 188 -14.30 -26.21 -10.94
C HIS C 188 -14.31 -25.81 -9.47
N CYS C 189 -13.25 -25.14 -9.05
CA CYS C 189 -13.18 -24.66 -7.68
C CYS C 189 -12.61 -23.27 -7.77
N ASN C 190 -13.32 -22.33 -7.14
CA ASN C 190 -12.91 -20.95 -7.12
C ASN C 190 -13.01 -20.46 -5.69
N THR C 191 -12.26 -19.41 -5.39
CA THR C 191 -12.23 -18.86 -4.04
C THR C 191 -12.54 -17.35 -4.03
N ILE C 192 -13.34 -16.94 -3.06
CA ILE C 192 -13.66 -15.53 -2.94
C ILE C 192 -13.23 -14.96 -1.59
N ALA C 193 -13.04 -13.65 -1.58
CA ALA C 193 -12.68 -12.89 -0.39
C ALA C 193 -13.74 -11.79 -0.43
N PRO C 194 -14.88 -12.05 0.22
CA PRO C 194 -15.95 -11.07 0.22
C PRO C 194 -15.91 -10.04 1.29
N ASN C 195 -16.69 -9.00 1.07
CA ASN C 195 -16.84 -7.95 2.03
C ASN C 195 -18.29 -7.49 1.95
N ASP C 208 -23.92 1.40 9.79
CA ASP C 208 -24.29 2.28 8.64
C ASP C 208 -23.58 1.84 7.34
N LEU C 209 -22.30 1.48 7.48
CA LEU C 209 -21.52 1.04 6.32
C LEU C 209 -21.84 -0.44 6.12
N VAL C 210 -22.04 -1.13 7.24
CA VAL C 210 -22.37 -2.55 7.23
C VAL C 210 -23.68 -2.74 6.49
N GLU C 211 -24.53 -1.72 6.53
CA GLU C 211 -25.82 -1.76 5.87
C GLU C 211 -25.65 -1.52 4.38
N ALA C 212 -24.67 -0.71 4.01
CA ALA C 212 -24.41 -0.40 2.60
C ALA C 212 -23.63 -1.48 1.86
N LEU C 213 -22.99 -2.40 2.59
CA LEU C 213 -22.23 -3.46 1.94
C LEU C 213 -23.03 -4.74 1.92
N LYS C 214 -24.14 -4.68 1.19
CA LYS C 214 -25.10 -5.77 1.02
C LYS C 214 -24.59 -7.09 0.47
N PRO C 215 -24.91 -8.19 1.15
CA PRO C 215 -24.50 -9.53 0.73
C PRO C 215 -24.96 -9.81 -0.70
N GLU C 216 -25.98 -9.09 -1.16
CA GLU C 216 -26.44 -9.31 -2.53
C GLU C 216 -25.46 -8.75 -3.56
N TYR C 217 -24.39 -8.11 -3.09
CA TYR C 217 -23.38 -7.57 -4.01
C TYR C 217 -22.32 -8.63 -4.31
N VAL C 218 -22.31 -9.73 -3.58
CA VAL C 218 -21.33 -10.77 -3.85
C VAL C 218 -22.01 -11.99 -4.48
N ALA C 219 -23.25 -12.24 -4.07
CA ALA C 219 -24.03 -13.35 -4.57
C ALA C 219 -23.95 -13.51 -6.10
N PRO C 220 -24.11 -12.40 -6.85
CA PRO C 220 -24.03 -12.61 -8.30
C PRO C 220 -22.71 -13.21 -8.79
N LEU C 221 -21.61 -12.90 -8.12
CA LEU C 221 -20.34 -13.48 -8.54
C LEU C 221 -20.38 -14.99 -8.25
N VAL C 222 -20.91 -15.37 -7.09
CA VAL C 222 -20.97 -16.77 -6.73
C VAL C 222 -21.84 -17.57 -7.72
N LEU C 223 -22.92 -16.94 -8.19
CA LEU C 223 -23.82 -17.59 -9.15
C LEU C 223 -23.11 -17.81 -10.49
N TRP C 224 -22.39 -16.79 -10.95
CA TRP C 224 -21.66 -16.90 -12.21
C TRP C 224 -20.58 -17.99 -12.12
N LEU C 225 -19.76 -17.93 -11.06
CA LEU C 225 -18.69 -18.90 -10.85
C LEU C 225 -19.19 -20.34 -10.66
N CYS C 226 -20.48 -20.49 -10.34
CA CYS C 226 -21.05 -21.82 -10.13
C CYS C 226 -21.97 -22.26 -11.25
N HIS C 227 -21.96 -21.52 -12.36
CA HIS C 227 -22.81 -21.85 -13.49
C HIS C 227 -22.12 -22.79 -14.46
N GLU C 228 -22.91 -23.62 -15.15
CA GLU C 228 -22.35 -24.58 -16.08
C GLU C 228 -21.67 -23.93 -17.26
N SER C 229 -22.05 -22.71 -17.60
CA SER C 229 -21.43 -22.00 -18.72
C SER C 229 -20.11 -21.35 -18.31
N CYS C 230 -19.85 -21.23 -17.02
CA CYS C 230 -18.62 -20.62 -16.55
C CYS C 230 -17.43 -21.59 -16.65
N GLU C 231 -16.33 -21.12 -17.25
CA GLU C 231 -15.12 -21.91 -17.42
C GLU C 231 -14.00 -21.58 -16.43
N GLU C 232 -14.23 -20.57 -15.59
CA GLU C 232 -13.22 -20.15 -14.61
C GLU C 232 -12.89 -21.26 -13.60
N ASN C 233 -11.62 -21.56 -13.44
CA ASN C 233 -11.23 -22.59 -12.50
C ASN C 233 -9.96 -22.20 -11.78
N GLY C 234 -10.00 -22.17 -10.46
CA GLY C 234 -8.82 -21.81 -9.69
C GLY C 234 -8.63 -20.32 -9.51
N GLY C 235 -9.69 -19.55 -9.68
CA GLY C 235 -9.58 -18.11 -9.52
C GLY C 235 -9.70 -17.66 -8.07
N LEU C 236 -9.07 -16.53 -7.77
CA LEU C 236 -9.13 -15.91 -6.44
C LEU C 236 -9.74 -14.52 -6.68
N PHE C 237 -10.87 -14.25 -6.04
CA PHE C 237 -11.56 -12.97 -6.23
C PHE C 237 -11.95 -12.15 -4.99
N GLU C 238 -11.66 -10.85 -5.01
CA GLU C 238 -12.08 -9.97 -3.92
C GLU C 238 -13.41 -9.35 -4.40
N VAL C 239 -14.44 -9.40 -3.55
CA VAL C 239 -15.75 -8.90 -3.93
C VAL C 239 -16.40 -8.04 -2.88
N GLY C 240 -17.05 -6.96 -3.32
CA GLY C 240 -17.73 -6.11 -2.37
C GLY C 240 -18.22 -4.81 -2.96
N ALA C 241 -19.36 -4.34 -2.44
CA ALA C 241 -19.95 -3.08 -2.84
C ALA C 241 -20.36 -2.92 -4.31
N GLY C 242 -20.19 -3.96 -5.13
CA GLY C 242 -20.53 -3.85 -6.53
C GLY C 242 -19.31 -3.99 -7.44
N TRP C 243 -18.15 -4.19 -6.81
CA TRP C 243 -16.91 -4.34 -7.55
C TRP C 243 -16.39 -5.77 -7.43
N ILE C 244 -15.61 -6.19 -8.42
CA ILE C 244 -14.99 -7.50 -8.42
C ILE C 244 -13.60 -7.33 -9.02
N GLY C 245 -12.61 -7.98 -8.42
CA GLY C 245 -11.25 -7.90 -8.90
C GLY C 245 -10.64 -9.29 -8.82
N LYS C 246 -9.57 -9.54 -9.55
CA LYS C 246 -8.96 -10.86 -9.51
C LYS C 246 -7.50 -10.76 -9.08
N LEU C 247 -7.05 -11.74 -8.30
CA LEU C 247 -5.69 -11.78 -7.79
C LEU C 247 -4.91 -12.97 -8.31
N ARG C 248 -3.61 -12.78 -8.50
CA ARG C 248 -2.71 -13.85 -8.94
C ARG C 248 -1.29 -13.54 -8.43
N TRP C 249 -0.45 -14.55 -8.40
CA TRP C 249 0.92 -14.37 -7.95
C TRP C 249 1.83 -13.89 -9.07
N GLU C 250 2.84 -13.10 -8.72
CA GLU C 250 3.85 -12.76 -9.70
C GLU C 250 5.14 -13.07 -8.97
N ARG C 251 6.18 -13.40 -9.71
CA ARG C 251 7.45 -13.77 -9.10
C ARG C 251 8.63 -13.08 -9.78
N THR C 252 9.59 -12.60 -9.00
CA THR C 252 10.73 -11.94 -9.59
C THR C 252 11.61 -12.97 -10.27
N LEU C 253 12.34 -12.52 -11.30
CA LEU C 253 13.24 -13.39 -12.03
C LEU C 253 14.29 -13.88 -11.03
N GLY C 254 14.46 -13.13 -9.95
CA GLY C 254 15.39 -13.51 -8.90
C GLY C 254 16.86 -13.50 -9.25
N ALA C 255 17.65 -14.24 -8.49
CA ALA C 255 19.09 -14.31 -8.74
C ALA C 255 19.72 -15.64 -8.36
N ILE C 256 20.70 -16.05 -9.15
CA ILE C 256 21.45 -17.24 -8.86
C ILE C 256 22.58 -16.61 -8.05
N VAL C 257 22.74 -16.99 -6.79
CA VAL C 257 23.77 -16.37 -5.97
C VAL C 257 24.83 -17.37 -5.56
N ARG C 258 24.91 -18.47 -6.29
CA ARG C 258 25.88 -19.52 -6.00
C ARG C 258 26.67 -19.81 -7.27
N LYS C 259 27.96 -20.16 -7.10
CA LYS C 259 28.84 -20.53 -8.21
C LYS C 259 29.28 -21.95 -7.93
N ARG C 260 29.48 -22.77 -8.96
CA ARG C 260 29.89 -24.16 -8.72
C ARG C 260 31.21 -24.27 -7.96
N ASN C 261 31.31 -25.26 -7.10
CA ASN C 261 32.53 -25.50 -6.32
C ASN C 261 32.78 -24.46 -5.22
N GLN C 262 31.95 -23.43 -5.14
CA GLN C 262 32.09 -22.42 -4.10
C GLN C 262 30.86 -22.46 -3.18
N PRO C 263 31.08 -22.70 -1.88
CA PRO C 263 29.93 -22.74 -0.99
C PRO C 263 29.11 -21.45 -1.04
N THR C 265 26.94 -18.56 0.50
CA THR C 265 27.00 -17.89 1.79
C THR C 265 25.83 -16.93 2.02
N PRO C 266 25.50 -16.66 3.29
CA PRO C 266 24.38 -15.74 3.50
C PRO C 266 24.79 -14.33 3.04
N GLU C 267 26.10 -14.07 2.91
CA GLU C 267 26.57 -12.75 2.47
C GLU C 267 26.26 -12.54 1.00
N ALA C 268 26.29 -13.62 0.21
CA ALA C 268 25.97 -13.51 -1.21
C ALA C 268 24.48 -13.19 -1.36
N VAL C 269 23.67 -13.74 -0.46
CA VAL C 269 22.24 -13.49 -0.47
C VAL C 269 22.01 -12.01 -0.17
N ARG C 270 22.65 -11.52 0.90
CA ARG C 270 22.52 -10.12 1.26
C ARG C 270 23.03 -9.21 0.13
N ASP C 271 24.20 -9.51 -0.41
CA ASP C 271 24.74 -8.66 -1.46
C ASP C 271 23.92 -8.69 -2.75
N ASN C 272 22.99 -9.64 -2.88
CA ASN C 272 22.18 -9.68 -4.09
C ASN C 272 20.73 -9.38 -3.82
N TRP C 273 20.45 -9.01 -2.58
CA TRP C 273 19.10 -8.78 -2.11
C TRP C 273 18.24 -7.87 -2.98
N VAL C 274 18.83 -6.79 -3.48
CA VAL C 274 18.09 -5.88 -4.32
C VAL C 274 17.61 -6.58 -5.59
N LYS C 275 18.51 -7.30 -6.23
CA LYS C 275 18.18 -8.02 -7.45
C LYS C 275 17.14 -9.11 -7.18
N ILE C 276 17.29 -9.81 -6.06
CA ILE C 276 16.37 -10.87 -5.73
C ILE C 276 14.95 -10.35 -5.56
N CYS C 277 14.85 -9.16 -4.97
CA CYS C 277 13.57 -8.55 -4.70
C CYS C 277 13.04 -7.61 -5.81
N ASP C 278 13.75 -7.49 -6.92
CA ASP C 278 13.32 -6.62 -8.04
C ASP C 278 12.23 -7.26 -8.93
N PHE C 279 11.03 -6.70 -8.89
CA PHE C 279 9.93 -7.23 -9.68
C PHE C 279 9.83 -6.84 -11.14
N SER C 280 10.80 -6.11 -11.66
CA SER C 280 10.77 -5.72 -13.10
C SER C 280 10.72 -6.97 -13.98
N ASN C 281 9.72 -7.05 -14.85
CA ASN C 281 9.54 -8.21 -15.74
C ASN C 281 9.37 -9.50 -14.96
N ALA C 282 8.64 -9.43 -13.87
CA ALA C 282 8.38 -10.62 -13.06
C ALA C 282 7.57 -11.62 -13.88
N SER C 283 7.83 -12.91 -13.65
CA SER C 283 7.07 -13.95 -14.32
C SER C 283 5.74 -14.09 -13.58
N LYS C 284 4.81 -14.83 -14.18
CA LYS C 284 3.51 -15.07 -13.62
C LYS C 284 3.46 -16.59 -13.52
N PRO C 285 4.07 -17.17 -12.47
CA PRO C 285 4.08 -18.62 -12.33
C PRO C 285 2.68 -19.21 -12.16
N LYS C 286 2.42 -20.35 -12.79
CA LYS C 286 1.11 -20.97 -12.75
C LYS C 286 1.03 -22.42 -12.25
N SER C 287 2.14 -23.16 -12.26
CA SER C 287 2.08 -24.54 -11.79
C SER C 287 3.35 -24.96 -11.05
N ILE C 288 3.26 -26.03 -10.26
CA ILE C 288 4.44 -26.49 -9.53
C ILE C 288 5.48 -27.03 -10.52
N GLN C 289 5.04 -27.59 -11.64
CA GLN C 289 5.96 -28.11 -12.66
C GLN C 289 6.91 -27.04 -13.15
N GLU C 290 6.34 -25.90 -13.50
CA GLU C 290 7.10 -24.76 -14.01
C GLU C 290 8.12 -24.28 -12.97
N SER C 291 7.70 -24.21 -11.72
CA SER C 291 8.57 -23.80 -10.62
C SER C 291 9.72 -24.82 -10.53
N THR C 292 9.36 -26.08 -10.41
CA THR C 292 10.36 -27.15 -10.33
C THR C 292 11.26 -27.16 -11.56
N GLY C 293 10.67 -26.92 -12.72
CA GLY C 293 11.46 -26.89 -13.94
C GLY C 293 12.52 -25.80 -13.91
N GLY C 294 12.18 -24.64 -13.32
CA GLY C 294 13.12 -23.53 -13.24
C GLY C 294 14.28 -23.84 -12.30
N ILE C 295 13.99 -24.53 -11.20
CA ILE C 295 15.02 -24.88 -10.23
C ILE C 295 16.01 -25.85 -10.86
N ILE C 296 15.51 -26.81 -11.64
CA ILE C 296 16.39 -27.80 -12.29
C ILE C 296 17.28 -27.16 -13.34
N GLU C 297 16.73 -26.18 -14.04
CA GLU C 297 17.48 -25.44 -15.06
C GLU C 297 18.57 -24.60 -14.39
N VAL C 298 18.26 -24.01 -13.24
CA VAL C 298 19.24 -23.23 -12.47
C VAL C 298 20.44 -24.13 -12.14
N LEU C 299 20.13 -25.33 -11.64
CA LEU C 299 21.16 -26.29 -11.29
C LEU C 299 22.06 -26.57 -12.50
N HIS C 300 21.43 -26.70 -13.67
CA HIS C 300 22.17 -26.96 -14.89
C HIS C 300 23.05 -25.78 -15.33
N LYS C 301 22.56 -24.56 -15.16
CA LYS C 301 23.34 -23.39 -15.54
C LYS C 301 24.58 -23.29 -14.67
N ILE C 302 24.41 -23.49 -13.37
CA ILE C 302 25.56 -23.42 -12.48
C ILE C 302 26.60 -24.48 -12.80
N ASP C 303 26.16 -25.70 -13.11
CA ASP C 303 27.05 -26.80 -13.47
C ASP C 303 27.72 -26.62 -14.85
N SER C 304 27.21 -25.89 -15.72
N SER D 3 30.58 -6.81 6.21
CA SER D 3 30.94 -7.65 7.39
C SER D 3 30.20 -8.99 7.38
N PRO D 4 30.87 -10.08 7.80
CA PRO D 4 30.20 -11.38 7.81
C PRO D 4 29.02 -11.42 8.80
N LEU D 5 27.94 -12.07 8.39
CA LEU D 5 26.75 -12.17 9.22
C LEU D 5 26.95 -13.19 10.36
N ARG D 6 26.83 -12.71 11.60
CA ARG D 6 27.00 -13.56 12.77
C ARG D 6 25.77 -13.55 13.66
N PHE D 7 25.71 -14.49 14.59
CA PHE D 7 24.58 -14.59 15.50
C PHE D 7 25.03 -14.71 16.95
N ASP D 8 26.12 -14.03 17.27
CA ASP D 8 26.64 -14.09 18.63
C ASP D 8 25.65 -13.55 19.64
N GLY D 9 25.38 -14.35 20.66
CA GLY D 9 24.47 -13.98 21.71
C GLY D 9 23.03 -14.17 21.30
N ARG D 10 22.80 -14.81 20.15
CA ARG D 10 21.42 -15.06 19.70
C ARG D 10 21.09 -16.52 19.95
N VAL D 11 19.85 -16.79 20.35
CA VAL D 11 19.43 -18.16 20.58
C VAL D 11 18.52 -18.55 19.43
N VAL D 12 18.89 -19.61 18.72
CA VAL D 12 18.10 -20.06 17.58
C VAL D 12 17.46 -21.43 17.79
N LEU D 13 16.14 -21.51 17.65
CA LEU D 13 15.43 -22.78 17.78
C LEU D 13 15.04 -23.23 16.37
N VAL D 14 15.49 -24.43 15.97
CA VAL D 14 15.10 -24.96 14.68
C VAL D 14 14.26 -26.22 14.94
N THR D 15 12.99 -26.22 14.56
CA THR D 15 12.18 -27.42 14.77
C THR D 15 12.45 -28.39 13.64
N GLY D 16 12.46 -29.68 13.96
CA GLY D 16 12.74 -30.67 12.93
C GLY D 16 14.15 -30.55 12.37
N ALA D 17 15.11 -30.20 13.21
CA ALA D 17 16.50 -30.04 12.78
C ALA D 17 17.31 -31.33 12.79
N GLY D 18 16.64 -32.46 12.87
CA GLY D 18 17.33 -33.75 12.88
C GLY D 18 17.83 -34.22 11.53
N GLY D 19 17.26 -33.67 10.46
CA GLY D 19 17.70 -34.05 9.12
C GLY D 19 17.33 -32.98 8.09
N GLY D 20 17.59 -33.26 6.82
CA GLY D 20 17.25 -32.36 5.73
C GLY D 20 17.59 -30.88 5.89
N LEU D 21 16.57 -30.05 5.68
CA LEU D 21 16.71 -28.60 5.77
C LEU D 21 16.99 -28.12 7.19
N GLY D 22 16.20 -28.60 8.15
CA GLY D 22 16.38 -28.18 9.52
C GLY D 22 17.82 -28.36 9.97
N ARG D 23 18.38 -29.52 9.67
CA ARG D 23 19.75 -29.81 10.05
C ARG D 23 20.72 -28.85 9.42
N ALA D 24 20.56 -28.57 8.13
CA ALA D 24 21.49 -27.65 7.47
C ALA D 24 21.39 -26.26 8.11
N TYR D 25 20.18 -25.85 8.50
CA TYR D 25 19.97 -24.56 9.15
C TYR D 25 20.70 -24.49 10.50
N ALA D 26 20.51 -25.51 11.33
CA ALA D 26 21.13 -25.56 12.65
C ALA D 26 22.65 -25.49 12.57
N LEU D 27 23.24 -26.26 11.65
CA LEU D 27 24.69 -26.27 11.47
C LEU D 27 25.18 -24.90 11.02
N ALA D 28 24.46 -24.30 10.06
CA ALA D 28 24.85 -22.99 9.55
C ALA D 28 24.77 -21.93 10.66
N PHE D 29 23.67 -21.91 11.40
CA PHE D 29 23.54 -20.95 12.49
C PHE D 29 24.64 -21.12 13.54
N ALA D 30 24.85 -22.37 13.96
CA ALA D 30 25.84 -22.69 14.98
C ALA D 30 27.26 -22.34 14.58
N GLU D 31 27.54 -22.45 13.28
CA GLU D 31 28.85 -22.15 12.74
C GLU D 31 29.08 -20.63 12.80
N ARG D 32 27.98 -19.86 12.85
CA ARG D 32 28.05 -18.40 12.90
C ARG D 32 27.87 -17.82 14.31
N GLY D 33 28.06 -18.64 15.34
CA GLY D 33 27.99 -18.12 16.70
C GLY D 33 26.72 -18.27 17.49
N ALA D 34 25.66 -18.72 16.84
CA ALA D 34 24.38 -18.88 17.49
C ALA D 34 24.31 -20.03 18.49
N LEU D 35 23.47 -19.84 19.52
CA LEU D 35 23.22 -20.86 20.53
C LEU D 35 21.97 -21.53 19.95
N VAL D 36 22.14 -22.77 19.51
CA VAL D 36 21.06 -23.49 18.87
C VAL D 36 20.33 -24.60 19.63
N VAL D 37 19.00 -24.51 19.66
CA VAL D 37 18.20 -25.55 20.28
C VAL D 37 17.77 -26.35 19.05
N VAL D 38 18.29 -27.57 18.92
CA VAL D 38 17.90 -28.39 17.79
C VAL D 38 16.82 -29.35 18.23
N ASN D 39 15.65 -29.18 17.64
CA ASN D 39 14.52 -30.01 17.97
C ASN D 39 14.19 -31.00 16.90
N ASP D 40 13.79 -32.19 17.34
CA ASP D 40 13.37 -33.23 16.43
C ASP D 40 12.72 -34.35 17.21
N LEU D 41 11.54 -34.73 16.75
CA LEU D 41 10.76 -35.78 17.36
C LEU D 41 11.35 -37.16 17.06
N GLY D 42 12.19 -37.25 16.04
CA GLY D 42 12.80 -38.52 15.71
C GLY D 42 11.90 -39.60 15.10
N GLY D 43 10.77 -39.21 14.50
CA GLY D 43 9.89 -40.18 13.84
C GLY D 43 10.19 -40.26 12.33
N ASP D 44 9.30 -40.88 11.55
CA ASP D 44 9.53 -41.00 10.10
C ASP D 44 8.85 -39.84 9.38
N PHE D 45 8.98 -39.77 8.06
CA PHE D 45 8.37 -38.66 7.33
C PHE D 45 6.88 -38.83 7.03
N LYS D 46 6.28 -39.88 7.59
CA LYS D 46 4.86 -40.16 7.41
C LYS D 46 4.09 -39.90 8.73
N GLY D 47 4.83 -39.57 9.78
CA GLY D 47 4.19 -39.27 11.06
C GLY D 47 4.20 -40.41 12.06
N VAL D 48 4.99 -41.45 11.80
CA VAL D 48 5.09 -42.58 12.71
C VAL D 48 6.49 -42.66 13.25
N GLY D 49 6.61 -42.75 14.57
CA GLY D 49 7.93 -42.85 15.17
C GLY D 49 8.30 -41.79 16.20
N LYS D 50 9.47 -41.99 16.79
CA LYS D 50 10.02 -41.12 17.81
C LYS D 50 11.38 -41.69 18.19
N GLY D 51 12.37 -40.83 18.32
CA GLY D 51 13.70 -41.27 18.67
C GLY D 51 14.54 -40.06 19.04
N SER D 52 15.47 -40.25 19.96
CA SER D 52 16.31 -39.15 20.40
C SER D 52 17.57 -38.96 19.57
N SER D 53 17.99 -40.01 18.88
CA SER D 53 19.22 -39.95 18.10
C SER D 53 19.24 -38.92 16.96
N ALA D 54 18.09 -38.61 16.37
CA ALA D 54 18.06 -37.63 15.28
C ALA D 54 18.66 -36.32 15.78
N ALA D 55 18.05 -35.77 16.83
CA ALA D 55 18.51 -34.52 17.41
C ALA D 55 19.90 -34.66 18.02
N ASP D 56 20.15 -35.76 18.74
CA ASP D 56 21.44 -35.95 19.38
C ASP D 56 22.60 -35.97 18.41
N LYS D 57 22.41 -36.53 17.23
CA LYS D 57 23.50 -36.57 16.25
C LYS D 57 23.85 -35.18 15.73
N VAL D 58 22.85 -34.34 15.51
CA VAL D 58 23.08 -32.98 15.01
C VAL D 58 23.79 -32.15 16.05
N VAL D 59 23.34 -32.28 17.29
CA VAL D 59 23.98 -31.57 18.40
C VAL D 59 25.43 -32.04 18.56
N GLU D 60 25.70 -33.28 18.18
CA GLU D 60 27.04 -33.83 18.27
C GLU D 60 27.86 -33.28 17.13
N GLU D 61 27.26 -33.21 15.94
CA GLU D 61 27.96 -32.69 14.77
C GLU D 61 28.29 -31.23 15.01
N ILE D 62 27.37 -30.49 15.63
CA ILE D 62 27.61 -29.10 15.91
C ILE D 62 28.77 -28.98 16.88
N ARG D 63 28.71 -29.75 17.98
CA ARG D 63 29.78 -29.71 18.97
C ARG D 63 31.17 -29.97 18.37
N ARG D 64 31.27 -30.99 17.51
CA ARG D 64 32.54 -31.33 16.89
C ARG D 64 33.05 -30.19 15.99
N ARG D 65 32.13 -29.40 15.42
CA ARG D 65 32.53 -28.29 14.57
C ARG D 65 32.84 -27.05 15.39
N GLY D 66 32.80 -27.20 16.72
CA GLY D 66 33.14 -26.10 17.60
C GLY D 66 32.04 -25.16 18.02
N GLY D 67 30.79 -25.56 17.81
CA GLY D 67 29.67 -24.71 18.19
C GLY D 67 28.97 -25.17 19.45
N LYS D 68 27.86 -24.52 19.78
CA LYS D 68 27.12 -24.91 20.97
C LYS D 68 25.64 -25.09 20.68
N ALA D 69 25.09 -26.24 21.08
CA ALA D 69 23.67 -26.54 20.89
C ALA D 69 23.19 -27.50 21.96
N VAL D 70 21.89 -27.60 22.09
CA VAL D 70 21.29 -28.49 23.07
C VAL D 70 20.12 -29.09 22.31
N ALA D 71 19.71 -30.31 22.68
CA ALA D 71 18.60 -30.95 21.99
C ALA D 71 17.27 -30.87 22.72
N ASN D 72 16.20 -30.97 21.94
CA ASN D 72 14.85 -31.05 22.48
C ASN D 72 14.18 -32.16 21.68
N TYR D 73 13.56 -33.09 22.40
CA TYR D 73 12.95 -34.26 21.79
C TYR D 73 11.43 -34.23 21.69
N ASP D 74 10.84 -33.09 22.00
CA ASP D 74 9.41 -33.01 21.96
C ASP D 74 8.82 -32.75 20.57
N SER D 75 7.57 -33.18 20.39
CA SER D 75 6.84 -32.99 19.16
C SER D 75 6.46 -31.51 19.11
N VAL D 76 6.47 -30.91 17.91
CA VAL D 76 6.10 -29.50 17.83
C VAL D 76 4.67 -29.34 18.35
N GLU D 77 3.92 -30.44 18.39
CA GLU D 77 2.54 -30.40 18.90
C GLU D 77 2.59 -29.97 20.37
N ALA D 78 3.74 -30.15 21.00
CA ALA D 78 3.95 -29.73 22.39
C ALA D 78 4.86 -28.50 22.28
N GLY D 79 4.52 -27.61 21.34
CA GLY D 79 5.28 -26.41 21.07
C GLY D 79 5.96 -25.68 22.22
N GLU D 80 5.18 -25.40 23.26
CA GLU D 80 5.66 -24.70 24.45
C GLU D 80 6.95 -25.29 25.06
N LYS D 81 7.16 -26.60 24.93
CA LYS D 81 8.34 -27.25 25.50
C LYS D 81 9.65 -26.92 24.79
N LEU D 82 9.56 -26.65 23.48
CA LEU D 82 10.76 -26.32 22.74
C LEU D 82 11.30 -24.97 23.21
N VAL D 83 10.40 -24.02 23.45
CA VAL D 83 10.81 -22.69 23.90
C VAL D 83 11.40 -22.78 25.31
N LYS D 84 10.81 -23.63 26.15
CA LYS D 84 11.27 -23.84 27.52
C LYS D 84 12.72 -24.38 27.52
N THR D 85 13.03 -25.26 26.58
CA THR D 85 14.39 -25.77 26.48
C THR D 85 15.32 -24.57 26.17
N ALA D 86 14.84 -23.64 25.34
CA ALA D 86 15.62 -22.46 24.99
C ALA D 86 15.78 -21.57 26.22
N LEU D 87 14.70 -21.40 26.97
CA LEU D 87 14.73 -20.56 28.16
C LEU D 87 15.53 -21.14 29.31
N ASP D 88 15.38 -22.45 29.53
CA ASP D 88 16.12 -23.13 30.59
C ASP D 88 17.62 -23.32 30.30
N THR D 89 17.98 -23.53 29.04
CA THR D 89 19.38 -23.75 28.69
C THR D 89 20.18 -22.48 28.41
N PHE D 90 19.59 -21.54 27.67
CA PHE D 90 20.30 -20.32 27.31
C PHE D 90 19.73 -19.05 27.90
N GLY D 91 18.44 -19.04 28.19
CA GLY D 91 17.86 -17.87 28.82
C GLY D 91 17.12 -16.85 27.99
N ARG D 92 17.04 -17.08 26.68
CA ARG D 92 16.34 -16.17 25.78
C ARG D 92 15.99 -16.95 24.52
N ILE D 93 15.31 -16.27 23.60
CA ILE D 93 14.91 -16.88 22.34
C ILE D 93 14.81 -15.77 21.30
N ASP D 94 15.74 -15.75 20.36
CA ASP D 94 15.76 -14.73 19.32
C ASP D 94 15.12 -15.14 18.02
N VAL D 95 15.39 -16.35 17.56
CA VAL D 95 14.81 -16.77 16.31
C VAL D 95 14.18 -18.16 16.32
N VAL D 96 13.05 -18.25 15.62
CA VAL D 96 12.32 -19.48 15.49
C VAL D 96 12.18 -19.90 14.03
N VAL D 97 12.78 -21.03 13.68
CA VAL D 97 12.61 -21.54 12.34
C VAL D 97 11.69 -22.76 12.43
N ASN D 98 10.44 -22.58 11.98
CA ASN D 98 9.43 -23.62 11.98
C ASN D 98 9.63 -24.44 10.73
N ASN D 99 10.29 -25.58 10.90
CA ASN D 99 10.58 -26.43 9.78
C ASN D 99 10.02 -27.87 9.88
N ALA D 100 9.62 -28.30 11.08
CA ALA D 100 9.12 -29.67 11.25
C ALA D 100 7.95 -29.97 10.31
N GLY D 101 8.03 -31.10 9.62
CA GLY D 101 6.95 -31.48 8.72
C GLY D 101 6.95 -32.95 8.33
N ILE D 102 5.79 -33.41 7.85
CA ILE D 102 5.59 -34.77 7.40
C ILE D 102 4.65 -34.77 6.19
N LEU D 103 4.57 -35.91 5.53
CA LEU D 103 3.70 -36.09 4.37
C LEU D 103 2.68 -37.19 4.60
N ARG D 104 1.53 -37.07 3.94
CA ARG D 104 0.45 -38.04 3.96
C ARG D 104 -0.32 -37.84 2.66
N ASP D 105 0.36 -38.10 1.55
CA ASP D 105 -0.20 -37.95 0.23
C ASP D 105 -1.23 -39.02 -0.14
N ARG D 106 -2.34 -38.57 -0.71
CA ARG D 106 -3.45 -39.40 -1.17
C ARG D 106 -4.31 -38.55 -2.11
N SER D 107 -5.01 -39.19 -3.05
CA SER D 107 -5.91 -38.43 -3.93
C SER D 107 -6.98 -37.89 -3.00
N PHE D 108 -7.53 -36.72 -3.33
CA PHE D 108 -8.53 -36.09 -2.46
C PHE D 108 -9.59 -36.98 -1.82
N SER D 109 -10.30 -37.76 -2.62
CA SER D 109 -11.32 -38.65 -2.08
C SER D 109 -10.77 -39.63 -1.04
N ARG D 110 -9.51 -40.03 -1.20
CA ARG D 110 -8.88 -40.99 -0.32
C ARG D 110 -8.10 -40.43 0.86
N ILE D 111 -8.22 -39.13 1.12
CA ILE D 111 -7.55 -38.54 2.26
C ILE D 111 -8.44 -38.84 3.47
N SER D 112 -7.94 -39.63 4.41
CA SER D 112 -8.76 -39.95 5.58
C SER D 112 -8.71 -38.81 6.56
N ASP D 113 -9.62 -38.84 7.53
CA ASP D 113 -9.68 -37.81 8.56
C ASP D 113 -8.34 -37.67 9.29
N GLU D 114 -7.66 -38.80 9.53
CA GLU D 114 -6.38 -38.75 10.22
C GLU D 114 -5.30 -38.22 9.27
N ASP D 115 -5.45 -38.52 7.98
CA ASP D 115 -4.50 -38.04 6.97
C ASP D 115 -4.53 -36.52 6.96
N TRP D 116 -5.72 -35.99 7.17
CA TRP D 116 -5.91 -34.54 7.18
C TRP D 116 -5.43 -33.91 8.48
N ASP D 117 -5.98 -34.41 9.58
CA ASP D 117 -5.65 -33.87 10.90
C ASP D 117 -4.18 -33.93 11.27
N ILE D 118 -3.49 -35.01 10.92
CA ILE D 118 -2.12 -35.07 11.32
C ILE D 118 -1.24 -34.05 10.57
N ILE D 119 -1.54 -33.81 9.29
CA ILE D 119 -0.78 -32.84 8.52
C ILE D 119 -1.00 -31.45 9.15
N GLN D 120 -2.24 -31.14 9.50
CA GLN D 120 -2.56 -29.85 10.10
C GLN D 120 -1.87 -29.68 11.46
N ARG D 121 -1.95 -30.72 12.31
CA ARG D 121 -1.36 -30.65 13.64
C ARG D 121 0.12 -30.34 13.66
N VAL D 122 0.87 -31.02 12.81
CA VAL D 122 2.32 -30.89 12.77
C VAL D 122 2.81 -29.63 12.04
N HIS D 123 2.22 -29.33 10.90
CA HIS D 123 2.63 -28.18 10.12
C HIS D 123 2.12 -26.85 10.64
N LEU D 124 0.80 -26.71 10.68
CA LEU D 124 0.14 -25.47 11.09
C LEU D 124 -0.02 -25.24 12.59
N ARG D 125 -0.69 -26.16 13.26
CA ARG D 125 -0.94 -26.06 14.71
C ARG D 125 0.38 -26.08 15.45
N GLY D 126 1.31 -26.91 14.96
CA GLY D 126 2.61 -26.98 15.59
C GLY D 126 3.36 -25.67 15.45
N SER D 127 3.41 -25.08 14.26
CA SER D 127 4.13 -23.81 14.08
C SER D 127 3.49 -22.73 14.96
N PHE D 128 2.17 -22.74 15.02
CA PHE D 128 1.42 -21.80 15.83
C PHE D 128 1.82 -21.98 17.32
N GLN D 129 1.86 -23.23 17.78
CA GLN D 129 2.24 -23.48 19.17
C GLN D 129 3.65 -23.01 19.48
N VAL D 130 4.62 -23.44 18.69
CA VAL D 130 6.01 -23.03 18.91
C VAL D 130 6.14 -21.50 18.90
N THR D 131 5.58 -20.86 17.87
CA THR D 131 5.66 -19.40 17.72
C THR D 131 4.91 -18.67 18.84
N ARG D 132 3.72 -19.15 19.19
CA ARG D 132 2.98 -18.51 20.26
C ARG D 132 3.77 -18.60 21.57
N ALA D 133 4.49 -19.69 21.81
CA ALA D 133 5.25 -19.80 23.05
C ALA D 133 6.44 -18.82 23.08
N ALA D 134 6.89 -18.39 21.91
CA ALA D 134 8.04 -17.48 21.88
C ALA D 134 7.64 -16.02 21.78
N TRP D 135 6.39 -15.77 21.39
CA TRP D 135 5.91 -14.42 21.17
C TRP D 135 6.18 -13.38 22.26
N ASP D 136 5.73 -13.63 23.48
CA ASP D 136 5.95 -12.65 24.52
C ASP D 136 7.44 -12.48 24.84
N HIS D 137 8.23 -13.52 24.69
CA HIS D 137 9.65 -13.34 24.96
C HIS D 137 10.27 -12.39 23.93
N LYS D 139 8.64 -10.12 22.31
CA LYS D 139 8.09 -8.79 22.55
C LYS D 139 8.86 -8.08 23.66
N LYS D 140 9.21 -8.82 24.71
CA LYS D 140 9.95 -8.23 25.82
C LYS D 140 11.36 -7.84 25.38
N GLN D 141 11.95 -8.64 24.50
CA GLN D 141 13.29 -8.39 23.96
C GLN D 141 13.23 -7.30 22.90
N ASN D 142 12.02 -7.01 22.44
CA ASN D 142 11.83 -6.06 21.33
C ASN D 142 12.70 -6.47 20.16
N TYR D 143 12.72 -7.78 19.90
CA TYR D 143 13.46 -8.39 18.80
C TYR D 143 13.01 -9.82 18.53
N GLY D 144 12.98 -10.22 17.27
CA GLY D 144 12.59 -11.57 16.93
C GLY D 144 12.62 -11.86 15.45
N ARG D 145 12.98 -13.08 15.10
CA ARG D 145 13.01 -13.49 13.70
C ARG D 145 12.30 -14.84 13.59
N ILE D 146 11.28 -14.89 12.74
CA ILE D 146 10.50 -16.09 12.56
C ILE D 146 10.46 -16.52 11.10
N ILE D 147 10.57 -17.84 10.89
CA ILE D 147 10.49 -18.43 9.57
C ILE D 147 9.36 -19.47 9.53
N THR D 149 7.66 -22.33 7.00
CA THR D 149 8.04 -23.09 5.83
C THR D 149 6.77 -23.50 5.09
N ALA D 150 6.54 -22.89 3.92
CA ALA D 150 5.37 -23.21 3.12
C ALA D 150 5.91 -24.08 2.00
N SER D 151 5.30 -24.04 0.82
CA SER D 151 5.82 -24.85 -0.27
C SER D 151 5.19 -24.49 -1.57
N ALA D 152 5.83 -24.91 -2.65
CA ALA D 152 5.30 -24.65 -3.97
C ALA D 152 3.94 -25.36 -4.12
N SER D 153 3.76 -26.52 -3.50
CA SER D 153 2.48 -27.23 -3.62
C SER D 153 1.39 -26.41 -2.94
N GLY D 154 1.73 -25.71 -1.88
CA GLY D 154 0.73 -24.87 -1.25
C GLY D 154 0.43 -23.62 -2.10
N ILE D 155 1.44 -23.08 -2.78
CA ILE D 155 1.25 -21.88 -3.60
C ILE D 155 0.54 -22.12 -4.93
N TYR D 156 0.90 -23.22 -5.61
CA TYR D 156 0.34 -23.59 -6.91
C TYR D 156 -0.65 -24.75 -6.88
N GLY D 157 -0.60 -25.52 -5.81
CA GLY D 157 -1.46 -26.70 -5.68
C GLY D 157 -0.66 -27.86 -6.24
N ASN D 158 -0.98 -29.10 -5.84
CA ASN D 158 -0.25 -30.25 -6.38
C ASN D 158 -1.04 -31.54 -6.20
N PHE D 159 -1.19 -32.28 -7.29
CA PHE D 159 -1.94 -33.52 -7.26
C PHE D 159 -1.54 -34.43 -6.08
N GLY D 160 -2.54 -34.92 -5.36
CA GLY D 160 -2.31 -35.80 -4.23
C GLY D 160 -1.86 -35.18 -2.92
N GLN D 161 -1.88 -33.85 -2.84
CA GLN D 161 -1.43 -33.20 -1.60
C GLN D 161 -2.39 -32.14 -1.08
N ALA D 162 -3.70 -32.34 -1.23
CA ALA D 162 -4.63 -31.32 -0.77
C ALA D 162 -4.41 -30.95 0.69
N ASN D 163 -4.15 -31.94 1.55
CA ASN D 163 -3.97 -31.68 2.96
C ASN D 163 -2.71 -30.87 3.23
N TYR D 164 -1.63 -31.28 2.58
CA TYR D 164 -0.35 -30.63 2.70
C TYR D 164 -0.40 -29.19 2.14
N SER D 165 -0.98 -29.03 0.95
CA SER D 165 -1.04 -27.73 0.33
C SER D 165 -1.90 -26.77 1.14
N ALA D 166 -2.96 -27.27 1.78
CA ALA D 166 -3.79 -26.39 2.59
C ALA D 166 -3.04 -25.92 3.84
N ALA D 167 -2.25 -26.83 4.40
CA ALA D 167 -1.49 -26.54 5.61
C ALA D 167 -0.40 -25.54 5.28
N LYS D 168 0.28 -25.76 4.17
CA LYS D 168 1.35 -24.87 3.79
C LYS D 168 0.87 -23.44 3.51
N LEU D 169 -0.21 -23.23 2.75
CA LEU D 169 -0.65 -21.85 2.54
C LEU D 169 -1.26 -21.35 3.83
N GLY D 170 -1.72 -22.27 4.68
CA GLY D 170 -2.27 -21.87 5.96
C GLY D 170 -1.21 -21.21 6.82
N LEU D 171 0.04 -21.67 6.67
CA LEU D 171 1.16 -21.13 7.39
C LEU D 171 1.44 -19.71 6.94
N LEU D 172 1.24 -19.46 5.65
CA LEU D 172 1.46 -18.14 5.07
C LEU D 172 0.42 -17.14 5.61
N GLY D 173 -0.81 -17.60 5.79
CA GLY D 173 -1.82 -16.71 6.32
C GLY D 173 -1.54 -16.42 7.79
N LEU D 174 -0.88 -17.36 8.46
CA LEU D 174 -0.53 -17.14 9.85
C LEU D 174 0.54 -16.04 9.89
N ALA D 175 1.55 -16.19 9.06
CA ALA D 175 2.66 -15.22 9.00
C ALA D 175 2.19 -13.82 8.59
N ASN D 176 1.21 -13.75 7.69
CA ASN D 176 0.69 -12.45 7.25
C ASN D 176 0.28 -11.60 8.45
N THR D 177 -0.41 -12.23 9.40
CA THR D 177 -0.85 -11.54 10.60
C THR D 177 0.32 -11.28 11.56
N LEU D 178 1.14 -12.30 11.83
CA LEU D 178 2.23 -12.09 12.76
C LEU D 178 3.07 -10.93 12.32
N VAL D 179 3.11 -10.69 11.00
CA VAL D 179 3.89 -9.59 10.44
C VAL D 179 3.33 -8.24 10.90
N ILE D 180 2.00 -8.18 11.02
CA ILE D 180 1.35 -6.94 11.44
C ILE D 180 1.47 -6.79 12.96
N GLU D 181 1.19 -7.86 13.70
CA GLU D 181 1.26 -7.76 15.14
C GLU D 181 2.66 -7.65 15.73
N GLY D 182 3.68 -8.12 15.02
CA GLY D 182 5.01 -8.03 15.59
C GLY D 182 5.85 -6.83 15.20
N ARG D 183 5.28 -6.00 14.34
CA ARG D 183 5.96 -4.83 13.78
C ARG D 183 6.56 -3.84 14.75
N LYS D 184 5.76 -3.36 15.69
CA LYS D 184 6.24 -2.38 16.63
C LYS D 184 7.38 -2.93 17.53
N ASN D 185 7.50 -4.26 17.61
CA ASN D 185 8.51 -4.90 18.46
C ASN D 185 9.69 -5.51 17.72
N ASN D 186 9.86 -5.17 16.45
CA ASN D 186 10.96 -5.65 15.63
C ASN D 186 10.97 -7.17 15.49
N ILE D 187 9.79 -7.75 15.42
CA ILE D 187 9.65 -9.17 15.23
C ILE D 187 9.28 -9.39 13.76
N HIS D 188 10.26 -9.83 12.96
CA HIS D 188 10.05 -10.09 11.53
C HIS D 188 9.61 -11.54 11.33
N CYS D 189 8.79 -11.76 10.32
CA CYS D 189 8.31 -13.10 10.02
C CYS D 189 8.31 -13.23 8.50
N ASN D 190 9.07 -14.18 8.00
CA ASN D 190 9.14 -14.41 6.58
C ASN D 190 8.82 -15.87 6.29
N THR D 191 8.40 -16.11 5.05
CA THR D 191 7.99 -17.44 4.64
C THR D 191 8.83 -17.91 3.47
N ILE D 192 9.08 -19.21 3.42
CA ILE D 192 9.87 -19.77 2.33
C ILE D 192 9.19 -21.01 1.75
N ALA D 193 9.52 -21.31 0.50
CA ALA D 193 9.00 -22.47 -0.24
C ALA D 193 10.30 -23.03 -0.83
N PRO D 194 10.96 -23.91 -0.07
CA PRO D 194 12.23 -24.54 -0.46
C PRO D 194 12.17 -25.69 -1.44
N ASN D 195 13.29 -25.97 -2.07
CA ASN D 195 13.36 -27.11 -2.97
C ASN D 195 14.69 -27.74 -2.68
N ALA D 196 14.64 -28.89 -2.04
CA ALA D 196 15.86 -29.58 -1.66
C ALA D 196 15.63 -31.07 -1.57
N GLY D 197 16.66 -31.82 -1.93
CA GLY D 197 16.58 -33.27 -1.89
C GLY D 197 16.63 -33.78 -0.47
N SER D 198 15.61 -34.54 -0.08
CA SER D 198 15.53 -35.12 1.25
C SER D 198 14.71 -36.40 1.20
N ARG D 199 14.65 -37.09 2.33
CA ARG D 199 13.89 -38.34 2.43
C ARG D 199 12.44 -38.16 2.02
N THR D 201 11.21 -36.33 -0.34
CA THR D 201 11.12 -35.72 -1.65
C THR D 201 11.50 -36.71 -2.76
N GLU D 202 12.14 -37.81 -2.40
CA GLU D 202 12.56 -38.82 -3.36
C GLU D 202 11.46 -39.20 -4.34
N THR D 203 10.25 -39.44 -3.82
CA THR D 203 9.10 -39.81 -4.64
C THR D 203 8.79 -38.84 -5.79
N VAL D 204 9.22 -37.59 -5.65
CA VAL D 204 8.97 -36.57 -6.68
C VAL D 204 10.27 -35.99 -7.26
N PRO D 206 14.04 -37.30 -9.41
CA PRO D 206 14.92 -38.37 -9.85
C PRO D 206 16.04 -38.44 -8.79
N GLU D 207 16.45 -39.66 -8.49
CA GLU D 207 17.50 -39.95 -7.52
C GLU D 207 18.70 -38.98 -7.51
N ASP D 208 19.26 -38.69 -8.69
CA ASP D 208 20.43 -37.81 -8.80
C ASP D 208 20.06 -36.35 -8.53
N LEU D 209 18.81 -36.00 -8.81
CA LEU D 209 18.36 -34.65 -8.59
C LEU D 209 18.25 -34.47 -7.08
N VAL D 210 17.82 -35.54 -6.41
CA VAL D 210 17.71 -35.50 -4.96
C VAL D 210 19.11 -35.17 -4.41
N GLU D 211 20.09 -35.97 -4.82
CA GLU D 211 21.47 -35.78 -4.40
C GLU D 211 22.02 -34.37 -4.68
N ALA D 212 21.62 -33.78 -5.81
CA ALA D 212 22.11 -32.45 -6.20
C ALA D 212 21.40 -31.21 -5.61
N LEU D 213 20.11 -31.31 -5.30
CA LEU D 213 19.42 -30.17 -4.73
C LEU D 213 19.68 -30.16 -3.22
N LYS D 214 20.89 -29.72 -2.85
CA LYS D 214 21.28 -29.70 -1.45
C LYS D 214 20.54 -28.71 -0.51
N PRO D 215 20.31 -29.15 0.74
CA PRO D 215 19.64 -28.36 1.77
C PRO D 215 20.51 -27.13 2.07
N GLU D 216 21.82 -27.28 1.86
CA GLU D 216 22.76 -26.19 2.09
C GLU D 216 22.58 -25.04 1.10
N TYR D 217 21.78 -25.23 0.05
CA TYR D 217 21.54 -24.14 -0.90
C TYR D 217 20.39 -23.26 -0.39
N VAL D 218 19.63 -23.74 0.60
CA VAL D 218 18.57 -22.89 1.11
C VAL D 218 18.92 -22.25 2.45
N ALA D 219 19.77 -22.92 3.25
CA ALA D 219 20.20 -22.38 4.55
C ALA D 219 20.65 -20.89 4.45
N PRO D 220 21.47 -20.54 3.44
CA PRO D 220 21.91 -19.15 3.30
C PRO D 220 20.79 -18.12 3.31
N LEU D 221 19.64 -18.44 2.70
CA LEU D 221 18.54 -17.51 2.68
C LEU D 221 17.94 -17.41 4.08
N VAL D 222 17.77 -18.56 4.73
CA VAL D 222 17.19 -18.59 6.09
C VAL D 222 18.08 -17.81 7.05
N LEU D 223 19.40 -17.92 6.92
CA LEU D 223 20.28 -17.17 7.81
C LEU D 223 20.15 -15.66 7.61
N TRP D 224 20.05 -15.22 6.36
CA TRP D 224 19.92 -13.79 6.10
C TRP D 224 18.62 -13.23 6.67
N LEU D 225 17.50 -13.92 6.41
CA LEU D 225 16.19 -13.49 6.90
C LEU D 225 16.06 -13.51 8.43
N CYS D 226 16.99 -14.18 9.11
CA CYS D 226 16.94 -14.25 10.56
C CYS D 226 18.04 -13.39 11.21
N HIS D 227 18.81 -12.68 10.38
CA HIS D 227 19.88 -11.84 10.90
C HIS D 227 19.34 -10.49 11.43
N GLU D 228 19.97 -9.95 12.46
CA GLU D 228 19.49 -8.69 13.02
C GLU D 228 19.48 -7.56 12.01
N SER D 229 20.44 -7.57 11.07
CA SER D 229 20.52 -6.51 10.08
C SER D 229 19.57 -6.66 8.89
N CYS D 230 18.82 -7.74 8.85
CA CYS D 230 17.88 -7.89 7.75
C CYS D 230 16.61 -7.09 8.08
N GLU D 231 16.02 -6.44 7.08
CA GLU D 231 14.82 -5.66 7.32
C GLU D 231 13.60 -6.26 6.62
N GLU D 232 13.81 -7.34 5.87
CA GLU D 232 12.72 -8.00 5.17
C GLU D 232 11.71 -8.52 6.20
N ASN D 233 10.44 -8.23 5.99
CA ASN D 233 9.40 -8.68 6.90
C ASN D 233 8.12 -9.02 6.11
N GLY D 234 7.67 -10.27 6.21
CA GLY D 234 6.48 -10.67 5.49
C GLY D 234 6.73 -11.04 4.03
N GLY D 235 7.96 -11.45 3.70
CA GLY D 235 8.23 -11.82 2.34
C GLY D 235 7.88 -13.28 2.11
N LEU D 236 7.72 -13.66 0.85
CA LEU D 236 7.47 -15.06 0.52
C LEU D 236 8.51 -15.33 -0.55
N PHE D 237 9.36 -16.31 -0.30
CA PHE D 237 10.44 -16.63 -1.22
C PHE D 237 10.49 -18.09 -1.64
N GLU D 238 10.79 -18.33 -2.93
CA GLU D 238 10.96 -19.70 -3.43
C GLU D 238 12.49 -19.79 -3.48
N VAL D 239 13.06 -20.91 -3.06
CA VAL D 239 14.50 -21.02 -3.00
C VAL D 239 15.02 -22.42 -3.31
N GLY D 240 16.03 -22.48 -4.17
CA GLY D 240 16.60 -23.77 -4.48
C GLY D 240 17.73 -23.71 -5.48
N ALA D 241 18.60 -24.72 -5.41
CA ALA D 241 19.77 -24.87 -6.29
C ALA D 241 20.81 -23.74 -6.29
N GLY D 242 20.52 -22.66 -5.57
CA GLY D 242 21.44 -21.54 -5.52
C GLY D 242 20.74 -20.29 -6.03
N TRP D 243 19.46 -20.48 -6.30
CA TRP D 243 18.61 -19.42 -6.81
C TRP D 243 17.57 -19.00 -5.78
N ILE D 244 17.20 -17.73 -5.81
CA ILE D 244 16.18 -17.22 -4.90
C ILE D 244 15.30 -16.26 -5.68
N GLY D 245 13.99 -16.35 -5.43
CA GLY D 245 13.01 -15.49 -6.08
C GLY D 245 11.95 -15.07 -5.06
N LYS D 246 11.28 -13.97 -5.33
CA LYS D 246 10.28 -13.45 -4.40
C LYS D 246 8.92 -13.32 -5.07
N LEU D 247 7.87 -13.67 -4.33
CA LEU D 247 6.50 -13.62 -4.85
C LEU D 247 5.65 -12.58 -4.14
N ARG D 248 4.63 -12.09 -4.83
CA ARG D 248 3.69 -11.14 -4.23
C ARG D 248 2.40 -11.14 -5.03
N TRP D 249 1.34 -10.65 -4.42
CA TRP D 249 0.05 -10.58 -5.09
C TRP D 249 -0.04 -9.36 -6.00
N GLU D 250 -0.79 -9.54 -7.06
CA GLU D 250 -1.05 -8.52 -8.05
C GLU D 250 -2.57 -8.63 -8.20
N ARG D 251 -3.27 -7.49 -8.29
CA ARG D 251 -4.74 -7.52 -8.38
C ARG D 251 -5.27 -6.70 -9.56
N THR D 252 -6.24 -7.24 -10.29
CA THR D 252 -6.77 -6.49 -11.45
C THR D 252 -7.45 -5.23 -11.03
N LEU D 253 -7.40 -4.21 -11.88
CA LEU D 253 -8.09 -2.97 -11.54
C LEU D 253 -9.56 -3.36 -11.39
N GLY D 254 -9.99 -4.37 -12.14
CA GLY D 254 -11.35 -4.89 -12.01
C GLY D 254 -12.50 -4.15 -12.67
N ALA D 255 -13.70 -4.37 -12.15
CA ALA D 255 -14.89 -3.73 -12.69
C ALA D 255 -15.98 -3.50 -11.69
N ILE D 256 -16.61 -2.34 -11.78
CA ILE D 256 -17.74 -2.03 -10.95
C ILE D 256 -18.90 -2.47 -11.87
N VAL D 257 -19.53 -3.59 -11.54
CA VAL D 257 -20.62 -4.12 -12.37
C VAL D 257 -21.98 -3.61 -11.93
N ARG D 258 -22.02 -2.93 -10.79
CA ARG D 258 -23.27 -2.41 -10.27
C ARG D 258 -23.49 -0.94 -10.62
N LYS D 259 -24.74 -0.57 -10.87
CA LYS D 259 -25.12 0.81 -11.19
C LYS D 259 -26.13 1.29 -10.17
N ARG D 260 -26.15 2.61 -9.93
CA ARG D 260 -27.08 3.21 -8.96
C ARG D 260 -28.51 2.74 -9.20
N ASN D 261 -29.15 2.25 -8.14
CA ASN D 261 -30.52 1.73 -8.20
C ASN D 261 -30.84 1.00 -9.50
N GLN D 262 -30.34 -0.23 -9.57
CA GLN D 262 -30.49 -1.18 -10.68
C GLN D 262 -29.85 -2.45 -10.13
N PRO D 263 -30.68 -3.41 -9.69
CA PRO D 263 -30.14 -4.66 -9.12
C PRO D 263 -28.95 -5.26 -9.88
N THR D 265 -26.78 -8.16 -11.28
CA THR D 265 -27.11 -9.49 -11.77
C THR D 265 -25.90 -10.35 -12.16
N PRO D 266 -26.10 -11.68 -12.17
CA PRO D 266 -25.07 -12.66 -12.54
C PRO D 266 -24.65 -12.44 -13.98
N GLU D 267 -25.61 -12.06 -14.82
CA GLU D 267 -25.36 -11.82 -16.23
C GLU D 267 -24.41 -10.62 -16.40
N ALA D 268 -24.55 -9.63 -15.53
CA ALA D 268 -23.69 -8.45 -15.60
C ALA D 268 -22.25 -8.85 -15.27
N VAL D 269 -22.09 -9.75 -14.32
CA VAL D 269 -20.77 -10.21 -13.96
C VAL D 269 -20.18 -10.90 -15.18
N ARG D 270 -20.93 -11.83 -15.75
CA ARG D 270 -20.47 -12.55 -16.94
C ARG D 270 -20.11 -11.59 -18.07
N ASP D 271 -20.90 -10.53 -18.21
CA ASP D 271 -20.68 -9.56 -19.26
C ASP D 271 -19.41 -8.73 -19.08
N ASN D 272 -18.95 -8.60 -17.84
CA ASN D 272 -17.72 -7.85 -17.55
C ASN D 272 -16.54 -8.75 -17.22
N TRP D 273 -16.66 -10.03 -17.57
CA TRP D 273 -15.61 -10.97 -17.26
C TRP D 273 -14.23 -10.63 -17.81
N VAL D 274 -14.14 -10.30 -19.09
CA VAL D 274 -12.85 -9.95 -19.67
C VAL D 274 -12.20 -8.81 -18.88
N LYS D 275 -13.00 -7.80 -18.52
CA LYS D 275 -12.50 -6.66 -17.76
C LYS D 275 -12.07 -7.08 -16.35
N ILE D 276 -12.93 -7.84 -15.71
CA ILE D 276 -12.65 -8.30 -14.36
C ILE D 276 -11.33 -9.08 -14.29
N CYS D 277 -11.05 -9.85 -15.33
CA CYS D 277 -9.85 -10.67 -15.35
C CYS D 277 -8.64 -10.09 -16.05
N ASP D 278 -8.70 -8.84 -16.50
CA ASP D 278 -7.58 -8.24 -17.21
C ASP D 278 -6.55 -7.65 -16.26
N PHE D 279 -5.32 -8.16 -16.33
CA PHE D 279 -4.26 -7.70 -15.44
C PHE D 279 -3.41 -6.47 -15.89
N SER D 280 -3.72 -5.87 -17.04
CA SER D 280 -2.96 -4.67 -17.48
C SER D 280 -3.03 -3.58 -16.37
N ASN D 281 -1.86 -3.09 -15.95
CA ASN D 281 -1.81 -2.06 -14.92
C ASN D 281 -2.37 -2.52 -13.57
N ALA D 282 -2.34 -3.82 -13.34
CA ALA D 282 -2.84 -4.38 -12.10
C ALA D 282 -2.15 -3.66 -10.95
N SER D 283 -2.79 -3.63 -9.80
CA SER D 283 -2.15 -2.99 -8.67
C SER D 283 -1.47 -4.06 -7.80
N LYS D 284 -0.70 -3.61 -6.82
CA LYS D 284 0.02 -4.51 -5.93
C LYS D 284 -0.45 -4.28 -4.49
N PRO D 285 -1.62 -4.82 -4.14
CA PRO D 285 -2.21 -4.68 -2.81
C PRO D 285 -1.33 -5.21 -1.68
N LYS D 286 -1.32 -4.50 -0.56
CA LYS D 286 -0.48 -4.91 0.55
C LYS D 286 -1.19 -4.97 1.90
N SER D 287 -2.37 -4.39 2.01
CA SER D 287 -3.04 -4.40 3.30
C SER D 287 -4.54 -4.51 3.28
N ILE D 288 -5.09 -5.00 4.39
CA ILE D 288 -6.52 -5.11 4.47
C ILE D 288 -7.10 -3.69 4.53
N GLN D 289 -6.41 -2.74 5.17
CA GLN D 289 -6.93 -1.35 5.22
C GLN D 289 -7.11 -0.73 3.82
N GLU D 290 -6.15 -0.94 2.93
CA GLU D 290 -6.25 -0.41 1.59
C GLU D 290 -7.36 -1.13 0.83
N SER D 291 -7.57 -2.40 1.15
CA SER D 291 -8.61 -3.18 0.49
C SER D 291 -9.98 -2.67 0.95
N THR D 292 -10.09 -2.38 2.24
CA THR D 292 -11.34 -1.86 2.83
C THR D 292 -11.56 -0.43 2.34
N GLY D 293 -10.48 0.33 2.25
CA GLY D 293 -10.61 1.69 1.74
C GLY D 293 -11.12 1.64 0.31
N GLY D 294 -10.67 0.65 -0.46
CA GLY D 294 -11.08 0.52 -1.85
C GLY D 294 -12.57 0.21 -2.04
N ILE D 295 -13.09 -0.72 -1.25
CA ILE D 295 -14.48 -1.10 -1.35
C ILE D 295 -15.34 0.08 -0.99
N ILE D 296 -14.87 0.88 -0.04
CA ILE D 296 -15.60 2.05 0.38
C ILE D 296 -15.58 3.12 -0.72
N GLU D 297 -14.52 3.15 -1.50
CA GLU D 297 -14.41 4.13 -2.57
C GLU D 297 -15.33 3.70 -3.72
N VAL D 298 -15.59 2.40 -3.82
CA VAL D 298 -16.47 1.90 -4.85
C VAL D 298 -17.88 2.42 -4.56
N LEU D 299 -18.28 2.42 -3.29
CA LEU D 299 -19.60 2.92 -2.95
C LEU D 299 -19.74 4.38 -3.38
N HIS D 300 -18.74 5.19 -3.06
CA HIS D 300 -18.75 6.60 -3.42
C HIS D 300 -18.83 6.81 -4.93
N LYS D 301 -17.97 6.13 -5.68
CA LYS D 301 -17.97 6.27 -7.13
C LYS D 301 -19.34 5.92 -7.73
N ILE D 302 -19.98 4.90 -7.19
CA ILE D 302 -21.28 4.49 -7.69
C ILE D 302 -22.37 5.51 -7.38
N ASP D 303 -22.36 6.03 -6.15
CA ASP D 303 -23.36 7.00 -5.72
C ASP D 303 -22.87 8.44 -5.93
N SER D 304 -22.21 8.73 -6.95
#